data_8YDK
#
_entry.id   8YDK
#
_cell.length_a   149.237
_cell.length_b   64.912
_cell.length_c   109.935
_cell.angle_alpha   90.000
_cell.angle_beta   130.280
_cell.angle_gamma   90.000
#
_symmetry.space_group_name_H-M   'C 1 2 1'
#
loop_
_entity.id
_entity.type
_entity.pdbx_description
1 polymer 'Fusion glycoprotein F2, F1'
2 water water
#
_entity_poly.entity_id   1
_entity_poly.type   'polypeptide(L)'
_entity_poly.pdbx_seq_one_letter_code
;QNITEEFYQTTASAVSKGYLSALRTGWYTSVITIELSNIKENKCNGTDAKVKLIKQELDKYKNAVTDLQLLMQSTPATGS
GSAIASGVAVCKVLHLEGEVNKIKSALLSTNKAVVSLSNGVSVLTFKVLDLKNYIDKQLLPILNKQSCSIPNIETVIEFQ
QKNNRLLEITREFSVNAGVTTPVSTYMLTNSELLSLINDMPITNDQKKLMSNNVQIVRQQSYSIMCIIKEEVLAYVVQLP
LYGHHHHHH
;
_entity_poly.pdbx_strand_id   A,B,C
#
# COMPACT_ATOMS: atom_id res chain seq x y z
N GLN A 1 31.84 -26.26 -31.32
CA GLN A 1 30.48 -26.71 -31.60
C GLN A 1 29.54 -26.26 -30.49
N ASN A 2 30.12 -25.66 -29.46
CA ASN A 2 29.35 -25.19 -28.31
C ASN A 2 28.57 -23.95 -28.73
N ILE A 3 27.29 -24.13 -29.06
CA ILE A 3 26.44 -23.02 -29.47
C ILE A 3 25.86 -22.26 -28.28
N THR A 4 26.10 -22.75 -27.06
CA THR A 4 25.51 -22.13 -25.88
C THR A 4 26.10 -20.75 -25.60
N GLU A 5 27.32 -20.49 -26.06
CA GLU A 5 27.93 -19.18 -25.82
C GLU A 5 27.18 -18.06 -26.53
N GLU A 6 26.35 -18.39 -27.52
CA GLU A 6 25.54 -17.41 -28.22
C GLU A 6 24.24 -17.11 -27.49
N PHE A 7 24.03 -17.70 -26.31
CA PHE A 7 22.77 -17.58 -25.59
C PHE A 7 23.03 -17.06 -24.18
N TYR A 8 22.18 -16.13 -23.75
CA TYR A 8 22.11 -15.81 -22.33
C TYR A 8 21.52 -17.01 -21.60
N GLN A 9 22.14 -17.43 -20.51
CA GLN A 9 21.71 -18.63 -19.80
C GLN A 9 21.55 -18.34 -18.31
N THR A 10 20.39 -18.66 -17.76
CA THR A 10 20.24 -18.58 -16.29
C THR A 10 19.87 -19.99 -15.84
N THR A 11 19.50 -20.15 -14.59
CA THR A 11 19.14 -21.44 -14.02
C THR A 11 17.81 -21.96 -14.58
N ALA A 12 16.87 -21.06 -14.88
CA ALA A 12 15.57 -21.44 -15.38
C ALA A 12 15.30 -21.01 -16.81
N SER A 13 16.11 -20.11 -17.37
CA SER A 13 15.80 -19.51 -18.67
C SER A 13 17.05 -19.39 -19.51
N ALA A 14 16.84 -19.31 -20.82
CA ALA A 14 17.88 -18.95 -21.77
C ALA A 14 17.29 -18.03 -22.83
N VAL A 15 18.11 -17.12 -23.34
CA VAL A 15 17.71 -16.21 -24.41
C VAL A 15 18.86 -16.06 -25.38
N SER A 16 18.54 -16.01 -26.67
CA SER A 16 19.55 -15.72 -27.69
C SER A 16 20.07 -14.30 -27.50
N LYS A 17 21.39 -14.15 -27.49
CA LYS A 17 22.00 -12.84 -27.30
C LYS A 17 21.72 -11.93 -28.49
N GLY A 18 21.89 -12.44 -29.72
CA GLY A 18 21.64 -11.63 -30.89
C GLY A 18 20.17 -11.24 -31.03
N TYR A 19 19.26 -12.17 -30.75
CA TYR A 19 17.83 -11.87 -30.85
C TYR A 19 17.43 -10.81 -29.84
N LEU A 20 17.91 -10.93 -28.60
CA LEU A 20 17.57 -9.94 -27.58
C LEU A 20 18.11 -8.56 -27.93
N SER A 21 19.35 -8.51 -28.41
CA SER A 21 19.98 -7.23 -28.79
C SER A 21 19.23 -6.60 -29.96
N ALA A 22 18.79 -7.42 -30.91
CA ALA A 22 18.05 -6.91 -32.05
C ALA A 22 16.70 -6.35 -31.65
N LEU A 23 16.08 -6.90 -30.62
CA LEU A 23 14.77 -6.42 -30.18
C LEU A 23 14.85 -5.09 -29.46
N ARG A 24 16.03 -4.69 -29.01
CA ARG A 24 16.18 -3.43 -28.29
C ARG A 24 15.83 -2.25 -29.19
N THR A 25 15.02 -1.33 -28.67
CA THR A 25 14.62 -0.14 -29.40
C THR A 25 15.04 1.17 -28.74
N GLY A 26 15.51 1.12 -27.49
CA GLY A 26 15.91 2.33 -26.80
C GLY A 26 16.54 1.99 -25.48
N TRP A 27 16.89 3.04 -24.74
CA TRP A 27 17.52 2.92 -23.44
C TRP A 27 16.73 3.68 -22.38
N TYR A 28 16.75 3.17 -21.16
CA TYR A 28 16.15 3.84 -20.02
C TYR A 28 17.25 4.13 -19.01
N THR A 29 17.42 5.41 -18.66
CA THR A 29 18.48 5.85 -17.77
C THR A 29 17.89 6.27 -16.43
N SER A 30 18.48 5.77 -15.34
CA SER A 30 18.10 6.14 -13.99
C SER A 30 19.34 6.61 -13.25
N VAL A 31 19.12 7.47 -12.26
CA VAL A 31 20.19 8.04 -11.45
C VAL A 31 20.20 7.36 -10.10
N ILE A 32 21.32 6.73 -9.76
CA ILE A 32 21.49 6.01 -8.50
C ILE A 32 22.44 6.82 -7.63
N THR A 33 22.02 7.10 -6.39
CA THR A 33 22.75 8.00 -5.51
C THR A 33 23.11 7.31 -4.21
N ILE A 34 24.28 7.69 -3.68
CA ILE A 34 24.74 7.29 -2.35
C ILE A 34 25.07 8.55 -1.58
N GLU A 35 24.49 8.69 -0.38
CA GLU A 35 24.71 9.87 0.44
C GLU A 35 26.00 9.71 1.25
N LEU A 36 26.90 10.68 1.12
CA LEU A 36 28.24 10.60 1.68
C LEU A 36 28.44 11.63 2.78
N SER A 37 29.41 11.35 3.65
CA SER A 37 29.78 12.24 4.73
C SER A 37 31.08 12.96 4.36
N ASN A 38 31.06 14.29 4.36
CA ASN A 38 32.23 15.10 4.09
C ASN A 38 32.93 15.30 5.42
N ILE A 39 33.85 14.41 5.74
CA ILE A 39 34.59 14.45 7.00
C ILE A 39 36.08 14.39 6.69
N LYS A 40 36.84 15.29 7.30
CA LYS A 40 38.29 15.31 7.17
C LYS A 40 38.93 14.42 8.23
N GLU A 41 40.21 14.13 8.04
CA GLU A 41 40.95 13.27 8.97
C GLU A 41 41.10 13.97 10.32
N ASN A 42 40.43 13.44 11.33
CA ASN A 42 40.51 13.98 12.69
C ASN A 42 41.45 13.09 13.50
N LYS A 43 42.51 13.69 14.03
CA LYS A 43 43.49 12.98 14.83
C LYS A 43 43.23 13.26 16.30
N CYS A 44 43.06 12.19 17.09
CA CYS A 44 42.92 12.30 18.53
C CYS A 44 43.67 11.15 19.16
N ASN A 45 43.50 10.98 20.47
CA ASN A 45 44.22 9.96 21.20
C ASN A 45 43.60 8.60 20.90
N GLY A 46 44.18 7.89 19.92
CA GLY A 46 43.74 6.56 19.58
C GLY A 46 44.74 5.50 19.98
N THR A 47 44.40 4.70 20.99
CA THR A 47 45.30 3.69 21.53
C THR A 47 44.83 2.28 21.24
N ASP A 48 43.60 1.94 21.63
CA ASP A 48 43.12 0.57 21.63
C ASP A 48 42.80 0.09 20.21
N ALA A 49 42.53 -1.20 20.11
CA ALA A 49 42.32 -1.83 18.81
C ALA A 49 41.08 -1.26 18.11
N LYS A 50 40.00 -1.07 18.85
CA LYS A 50 38.72 -0.71 18.23
C LYS A 50 38.81 0.64 17.53
N VAL A 51 39.58 1.57 18.10
CA VAL A 51 39.76 2.87 17.45
C VAL A 51 40.59 2.73 16.18
N LYS A 52 41.62 1.88 16.21
CA LYS A 52 42.43 1.66 15.01
C LYS A 52 41.59 1.08 13.88
N LEU A 53 40.75 0.09 14.19
CA LEU A 53 39.93 -0.53 13.15
C LEU A 53 38.97 0.47 12.54
N ILE A 54 38.37 1.34 13.36
CA ILE A 54 37.44 2.33 12.84
C ILE A 54 38.17 3.32 11.94
N LYS A 55 39.34 3.80 12.37
CA LYS A 55 40.10 4.74 11.54
C LYS A 55 40.61 4.08 10.26
N GLN A 56 40.96 2.80 10.31
CA GLN A 56 41.35 2.10 9.10
C GLN A 56 40.18 2.00 8.12
N GLU A 57 39.00 1.64 8.64
CA GLU A 57 37.80 1.64 7.80
C GLU A 57 37.47 3.05 7.32
N LEU A 58 37.67 4.05 8.18
CA LEU A 58 37.45 5.43 7.77
C LEU A 58 38.41 5.84 6.66
N ASP A 59 39.67 5.40 6.75
CA ASP A 59 40.66 5.76 5.72
C ASP A 59 40.25 5.18 4.37
N LYS A 60 39.74 3.96 4.38
CA LYS A 60 39.26 3.34 3.15
C LYS A 60 38.05 4.07 2.61
N TYR A 61 37.20 4.60 3.50
CA TYR A 61 36.11 5.46 3.05
C TYR A 61 36.64 6.72 2.38
N LYS A 62 37.67 7.34 2.96
CA LYS A 62 38.25 8.54 2.36
C LYS A 62 38.91 8.24 1.02
N ASN A 63 39.66 7.13 0.94
CA ASN A 63 40.33 6.79 -0.31
C ASN A 63 39.34 6.49 -1.42
N ALA A 64 38.25 5.80 -1.10
CA ALA A 64 37.24 5.49 -2.10
C ALA A 64 36.60 6.77 -2.64
N VAL A 65 36.33 7.74 -1.76
CA VAL A 65 35.75 9.00 -2.19
C VAL A 65 36.71 9.74 -3.11
N THR A 66 37.97 9.81 -2.73
CA THR A 66 38.96 10.51 -3.54
C THR A 66 39.22 9.78 -4.86
N ASP A 67 39.18 8.44 -4.84
CA ASP A 67 39.33 7.68 -6.07
C ASP A 67 38.18 7.97 -7.03
N LEU A 68 36.95 8.01 -6.50
CA LEU A 68 35.81 8.32 -7.35
C LEU A 68 35.81 9.77 -7.81
N GLN A 69 36.34 10.68 -6.99
CA GLN A 69 36.49 12.07 -7.44
C GLN A 69 37.46 12.18 -8.60
N LEU A 70 38.50 11.35 -8.63
CA LEU A 70 39.41 11.34 -9.77
C LEU A 70 38.75 10.73 -10.98
N LEU A 71 37.82 9.78 -10.79
CA LEU A 71 37.14 9.15 -11.91
C LEU A 71 36.21 10.14 -12.61
N MET A 72 35.41 10.88 -11.84
CA MET A 72 34.46 11.82 -12.45
C MET A 72 35.16 12.89 -13.27
N GLN A 73 36.30 13.39 -12.80
CA GLN A 73 37.09 14.33 -13.59
C GLN A 73 37.67 13.63 -14.82
N SER A 74 37.95 12.34 -14.71
CA SER A 74 38.41 11.51 -15.82
C SER A 74 37.19 10.96 -16.56
N THR A 75 37.41 9.92 -17.38
CA THR A 75 36.45 9.00 -18.03
C THR A 75 36.75 8.91 -19.52
N GLY A 79 31.04 9.80 -27.82
CA GLY A 79 29.64 10.21 -27.80
C GLY A 79 28.90 9.88 -29.08
N SER A 80 27.62 10.25 -29.11
CA SER A 80 26.75 10.05 -30.27
C SER A 80 26.53 8.58 -30.58
N GLY A 81 27.56 7.92 -31.11
CA GLY A 81 27.48 6.52 -31.48
C GLY A 81 27.87 5.53 -30.42
N SER A 82 28.15 5.99 -29.20
CA SER A 82 28.56 5.08 -28.14
C SER A 82 27.37 4.31 -27.58
N ALA A 83 27.64 3.11 -27.09
CA ALA A 83 26.59 2.30 -26.49
C ALA A 83 26.03 2.92 -25.23
N ILE A 84 26.76 3.83 -24.60
CA ILE A 84 26.33 4.47 -23.37
C ILE A 84 26.02 5.96 -23.61
N ALA A 85 25.78 6.35 -24.86
CA ALA A 85 25.51 7.75 -25.17
C ALA A 85 24.25 8.24 -24.46
N SER A 86 23.30 7.35 -24.19
CA SER A 86 22.12 7.74 -23.44
C SER A 86 22.47 8.10 -22.00
N GLY A 87 23.20 7.22 -21.32
CA GLY A 87 23.59 7.49 -19.94
C GLY A 87 24.56 8.65 -19.82
N VAL A 88 25.46 8.79 -20.80
CA VAL A 88 26.43 9.88 -20.76
C VAL A 88 25.71 11.23 -20.81
N ALA A 89 24.71 11.34 -21.69
CA ALA A 89 23.96 12.59 -21.80
C ALA A 89 23.30 12.96 -20.48
N VAL A 90 22.84 11.96 -19.72
CA VAL A 90 22.24 12.24 -18.41
C VAL A 90 23.30 12.70 -17.43
N CYS A 91 24.51 12.13 -17.50
CA CYS A 91 25.59 12.58 -16.62
CA CYS A 91 25.59 12.59 -16.63
C CYS A 91 25.88 14.07 -16.84
N LYS A 92 25.85 14.52 -18.11
CA LYS A 92 26.11 15.92 -18.40
C LYS A 92 25.10 16.82 -17.72
N VAL A 93 23.82 16.43 -17.75
CA VAL A 93 22.78 17.22 -17.10
C VAL A 93 23.04 17.30 -15.60
N LEU A 94 23.46 16.18 -15.01
CA LEU A 94 23.78 16.17 -13.58
C LEU A 94 24.93 17.11 -13.24
N HIS A 95 25.80 17.41 -14.21
CA HIS A 95 26.87 18.38 -13.98
C HIS A 95 26.38 19.81 -14.01
N LEU A 96 25.21 20.07 -14.60
CA LEU A 96 24.65 21.42 -14.56
C LEU A 96 24.37 21.80 -13.11
N GLU A 97 24.95 22.93 -12.68
CA GLU A 97 24.86 23.33 -11.28
C GLU A 97 23.39 23.49 -10.88
N GLY A 98 23.02 22.84 -9.78
CA GLY A 98 21.66 22.87 -9.27
C GLY A 98 20.91 21.56 -9.42
N GLU A 99 21.38 20.63 -10.25
CA GLU A 99 20.66 19.36 -10.43
C GLU A 99 20.88 18.42 -9.25
N VAL A 100 22.10 18.40 -8.72
CA VAL A 100 22.40 17.45 -7.66
C VAL A 100 21.58 17.75 -6.42
N ASN A 101 21.45 19.02 -6.06
CA ASN A 101 20.61 19.37 -4.92
C ASN A 101 19.14 19.07 -5.18
N LYS A 102 18.70 19.21 -6.44
CA LYS A 102 17.33 18.85 -6.79
C LYS A 102 17.09 17.37 -6.54
N ILE A 103 18.03 16.52 -6.97
CA ILE A 103 17.91 15.09 -6.71
C ILE A 103 17.96 14.81 -5.21
N LYS A 104 18.84 15.50 -4.49
CA LYS A 104 18.96 15.29 -3.05
C LYS A 104 17.69 15.71 -2.32
N SER A 105 17.08 16.82 -2.75
CA SER A 105 15.86 17.29 -2.08
C SER A 105 14.74 16.27 -2.21
N ALA A 106 14.59 15.66 -3.39
CA ALA A 106 13.52 14.71 -3.62
C ALA A 106 13.74 13.39 -2.88
N LEU A 107 14.98 13.04 -2.56
CA LEU A 107 15.30 11.82 -1.85
C LEU A 107 15.50 12.03 -0.36
N LEU A 108 15.13 13.21 0.15
CA LEU A 108 15.34 13.49 1.57
C LEU A 108 14.45 12.62 2.45
N SER A 109 13.22 12.32 2.00
CA SER A 109 12.27 11.53 2.78
C SER A 109 12.10 10.11 2.27
N THR A 110 12.32 9.87 0.99
CA THR A 110 12.22 8.54 0.40
C THR A 110 13.54 8.17 -0.24
N ASN A 111 13.73 6.87 -0.46
CA ASN A 111 14.87 6.41 -1.24
C ASN A 111 14.57 6.33 -2.74
N LYS A 112 13.33 6.64 -3.16
CA LYS A 112 12.97 6.71 -4.57
C LYS A 112 12.07 7.91 -4.82
N ALA A 113 12.28 8.57 -5.96
CA ALA A 113 11.47 9.70 -6.38
C ALA A 113 11.73 10.00 -7.84
N VAL A 114 10.68 10.40 -8.56
CA VAL A 114 10.83 10.85 -9.94
C VAL A 114 11.18 12.34 -9.93
N VAL A 115 12.26 12.70 -10.63
CA VAL A 115 12.78 14.05 -10.63
C VAL A 115 12.84 14.57 -12.06
N SER A 116 12.30 15.77 -12.27
CA SER A 116 12.42 16.45 -13.55
C SER A 116 13.73 17.24 -13.57
N LEU A 117 14.60 16.94 -14.53
CA LEU A 117 15.87 17.62 -14.65
C LEU A 117 15.67 18.97 -15.33
N SER A 118 16.76 19.71 -15.53
CA SER A 118 16.69 20.97 -16.27
C SER A 118 17.15 20.82 -17.71
N ASN A 119 16.84 19.69 -18.33
CA ASN A 119 16.97 19.54 -19.77
C ASN A 119 15.67 19.10 -20.44
N GLY A 120 14.73 18.55 -19.68
CA GLY A 120 13.45 18.13 -20.22
C GLY A 120 13.11 16.71 -19.83
N VAL A 121 14.14 15.88 -19.62
CA VAL A 121 13.96 14.48 -19.30
C VAL A 121 13.57 14.33 -17.84
N SER A 122 12.53 13.54 -17.58
CA SER A 122 12.20 13.13 -16.22
C SER A 122 12.87 11.80 -15.94
N VAL A 123 13.61 11.72 -14.84
CA VAL A 123 14.44 10.56 -14.52
C VAL A 123 14.09 10.05 -13.13
N LEU A 124 13.88 8.74 -13.02
CA LEU A 124 13.73 8.10 -11.72
C LEU A 124 15.07 8.07 -10.99
N THR A 125 15.06 8.49 -9.73
CA THR A 125 16.27 8.53 -8.92
C THR A 125 16.11 7.69 -7.67
N PHE A 126 17.16 6.95 -7.33
CA PHE A 126 17.22 6.12 -6.14
C PHE A 126 18.32 6.61 -5.21
N LYS A 127 18.08 6.46 -3.91
CA LYS A 127 19.14 6.56 -2.90
C LYS A 127 19.26 5.17 -2.30
N VAL A 128 20.31 4.45 -2.72
CA VAL A 128 20.45 3.05 -2.33
C VAL A 128 21.26 2.87 -1.05
N LEU A 129 22.08 3.85 -0.68
CA LEU A 129 22.88 3.77 0.54
C LEU A 129 22.99 5.16 1.14
N ASP A 130 22.79 5.25 2.45
CA ASP A 130 22.87 6.51 3.19
C ASP A 130 24.03 6.39 4.18
N LEU A 131 25.24 6.69 3.70
CA LEU A 131 26.42 6.58 4.56
C LEU A 131 26.58 7.81 5.46
N LYS A 132 26.16 8.98 4.99
CA LYS A 132 26.27 10.18 5.81
C LYS A 132 25.44 10.06 7.08
N ASN A 133 24.22 9.53 6.97
CA ASN A 133 23.38 9.36 8.15
C ASN A 133 24.03 8.44 9.17
N TYR A 134 24.62 7.34 8.72
CA TYR A 134 25.28 6.42 9.64
C TYR A 134 26.54 7.03 10.23
N ILE A 135 27.37 7.65 9.38
CA ILE A 135 28.63 8.21 9.85
C ILE A 135 28.38 9.41 10.77
N ASP A 136 27.42 10.27 10.42
CA ASP A 136 27.16 11.47 11.21
C ASP A 136 26.45 11.19 12.51
N LYS A 137 25.92 9.98 12.71
CA LYS A 137 25.19 9.67 13.92
C LYS A 137 25.83 8.57 14.76
N GLN A 138 26.62 7.68 14.17
CA GLN A 138 27.30 6.63 14.91
C GLN A 138 28.80 6.88 15.08
N LEU A 139 29.42 7.65 14.18
CA LEU A 139 30.86 7.84 14.21
C LEU A 139 31.29 9.28 14.46
N LEU A 140 30.55 10.26 13.97
CA LEU A 140 30.87 11.65 14.30
C LEU A 140 30.86 11.92 15.80
N PRO A 141 29.89 11.44 16.59
CA PRO A 141 29.98 11.66 18.05
C PRO A 141 31.21 11.02 18.68
N ILE A 142 31.74 9.96 18.09
CA ILE A 142 32.83 9.20 18.72
C ILE A 142 34.18 9.81 18.40
N LEU A 143 34.40 10.24 17.15
CA LEU A 143 35.73 10.62 16.70
C LEU A 143 35.94 12.13 16.54
N ASN A 144 34.88 12.92 16.60
CA ASN A 144 35.01 14.38 16.48
C ASN A 144 35.23 15.00 17.86
N LYS A 145 36.36 14.64 18.48
CA LYS A 145 36.61 15.01 19.87
C LYS A 145 38.09 15.24 20.07
N GLN A 146 38.43 15.73 21.28
CA GLN A 146 39.83 15.87 21.66
C GLN A 146 40.49 14.52 21.86
N SER A 147 39.84 13.63 22.60
CA SER A 147 40.25 12.24 22.74
C SER A 147 39.17 11.35 22.16
N CYS A 148 39.57 10.42 21.31
CA CYS A 148 38.60 9.58 20.61
C CYS A 148 37.81 8.73 21.59
N SER A 149 36.52 8.56 21.31
CA SER A 149 35.70 7.68 22.13
C SER A 149 35.97 6.23 21.75
N ILE A 150 35.40 5.32 22.54
CA ILE A 150 35.62 3.89 22.37
C ILE A 150 34.42 3.31 21.63
N PRO A 151 34.56 2.90 20.37
CA PRO A 151 33.45 2.25 19.67
C PRO A 151 33.42 0.76 19.96
N ASN A 152 32.33 0.25 20.54
CA ASN A 152 32.26 -1.17 20.85
C ASN A 152 32.35 -1.99 19.57
N ILE A 153 32.98 -3.17 19.69
CA ILE A 153 33.47 -3.90 18.52
C ILE A 153 32.37 -4.20 17.52
N GLU A 154 31.11 -4.25 17.95
CA GLU A 154 30.04 -4.50 16.99
C GLU A 154 29.81 -3.29 16.08
N THR A 155 30.09 -2.08 16.56
CA THR A 155 30.03 -0.91 15.70
C THR A 155 31.06 -1.00 14.57
N VAL A 156 32.22 -1.58 14.84
CA VAL A 156 33.23 -1.78 13.80
C VAL A 156 32.67 -2.71 12.72
N ILE A 157 32.01 -3.79 13.11
CA ILE A 157 31.46 -4.75 12.14
C ILE A 157 30.36 -4.10 11.31
N GLU A 158 29.46 -3.35 11.96
CA GLU A 158 28.37 -2.70 11.22
C GLU A 158 28.91 -1.75 10.16
N PHE A 159 29.87 -0.90 10.53
CA PHE A 159 30.36 0.09 9.59
C PHE A 159 31.05 -0.57 8.41
N GLN A 160 31.76 -1.67 8.64
CA GLN A 160 32.37 -2.40 7.54
C GLN A 160 31.30 -2.93 6.58
N GLN A 161 30.18 -3.43 7.15
CA GLN A 161 29.09 -3.92 6.31
C GLN A 161 28.59 -2.83 5.36
N LYS A 162 28.30 -1.65 5.88
CA LYS A 162 27.79 -0.57 5.06
C LYS A 162 28.86 0.00 4.14
N ASN A 163 30.09 0.15 4.65
CA ASN A 163 31.18 0.69 3.84
C ASN A 163 31.62 -0.27 2.75
N ASN A 164 31.33 -1.57 2.88
CA ASN A 164 31.78 -2.55 1.91
C ASN A 164 31.19 -2.27 0.52
N ARG A 165 29.92 -1.88 0.46
CA ARG A 165 29.29 -1.63 -0.83
C ARG A 165 29.95 -0.47 -1.56
N LEU A 166 30.29 0.60 -0.84
CA LEU A 166 30.96 1.73 -1.47
C LEU A 166 32.33 1.34 -2.01
N LEU A 167 33.09 0.54 -1.24
CA LEU A 167 34.41 0.12 -1.69
C LEU A 167 34.32 -0.76 -2.93
N GLU A 168 33.37 -1.70 -2.94
CA GLU A 168 33.21 -2.57 -4.11
C GLU A 168 32.76 -1.78 -5.32
N ILE A 169 31.85 -0.82 -5.14
CA ILE A 169 31.43 0.04 -6.24
C ILE A 169 32.62 0.83 -6.79
N THR A 170 33.43 1.39 -5.89
CA THR A 170 34.65 2.09 -6.31
C THR A 170 35.60 1.15 -7.01
N ARG A 171 35.74 -0.08 -6.50
CA ARG A 171 36.64 -1.05 -7.12
C ARG A 171 36.19 -1.40 -8.54
N GLU A 172 34.90 -1.63 -8.74
CA GLU A 172 34.40 -1.95 -10.07
C GLU A 172 34.59 -0.78 -11.03
N PHE A 173 34.31 0.44 -10.56
CA PHE A 173 34.47 1.61 -11.40
C PHE A 173 35.93 1.86 -11.77
N SER A 174 36.84 1.62 -10.81
CA SER A 174 38.25 1.92 -11.05
C SER A 174 38.85 0.99 -12.08
N VAL A 175 38.60 -0.32 -11.97
CA VAL A 175 39.16 -1.28 -12.91
C VAL A 175 38.46 -1.26 -14.27
N ASN A 176 37.29 -0.63 -14.37
CA ASN A 176 36.56 -0.53 -15.62
C ASN A 176 36.57 0.87 -16.20
N ALA A 177 37.34 1.79 -15.60
CA ALA A 177 37.45 3.17 -16.06
C ALA A 177 36.08 3.86 -16.11
N GLY A 178 35.22 3.54 -15.15
CA GLY A 178 33.96 4.24 -14.97
C GLY A 178 32.76 3.68 -15.69
N VAL A 179 32.92 2.63 -16.51
CA VAL A 179 31.81 2.02 -17.22
C VAL A 179 31.86 0.52 -16.98
N THR A 180 30.82 -0.03 -16.36
CA THR A 180 30.77 -1.44 -16.00
C THR A 180 29.57 -2.11 -16.64
N THR A 181 29.79 -3.33 -17.14
CA THR A 181 28.72 -4.23 -17.54
C THR A 181 29.28 -5.64 -17.41
N PRO A 182 28.49 -6.60 -16.87
CA PRO A 182 27.12 -6.45 -16.38
C PRO A 182 27.01 -5.61 -15.11
N VAL A 183 25.82 -5.11 -14.83
CA VAL A 183 25.58 -4.31 -13.63
C VAL A 183 25.51 -5.24 -12.44
N SER A 184 26.46 -5.10 -11.51
CA SER A 184 26.58 -6.01 -10.39
C SER A 184 25.49 -5.73 -9.35
N THR A 185 25.40 -6.64 -8.38
CA THR A 185 24.46 -6.46 -7.28
C THR A 185 24.89 -5.38 -6.32
N TYR A 186 26.16 -4.98 -6.35
CA TYR A 186 26.61 -3.84 -5.54
C TYR A 186 26.19 -2.52 -6.15
N MET A 187 26.22 -2.43 -7.49
CA MET A 187 25.69 -1.25 -8.17
C MET A 187 24.19 -1.14 -7.96
N LEU A 188 23.49 -2.26 -8.06
CA LEU A 188 22.04 -2.28 -7.98
C LEU A 188 21.63 -3.66 -7.49
N THR A 189 21.18 -3.74 -6.24
CA THR A 189 20.75 -5.02 -5.70
C THR A 189 19.52 -5.53 -6.44
N ASN A 190 19.21 -6.82 -6.25
CA ASN A 190 18.06 -7.41 -6.91
C ASN A 190 16.78 -6.69 -6.51
N SER A 191 16.64 -6.36 -5.22
CA SER A 191 15.46 -5.63 -4.77
C SER A 191 15.40 -4.24 -5.42
N GLU A 192 16.53 -3.55 -5.49
CA GLU A 192 16.56 -2.23 -6.12
C GLU A 192 16.28 -2.33 -7.61
N LEU A 193 16.84 -3.35 -8.28
CA LEU A 193 16.62 -3.50 -9.71
C LEU A 193 15.17 -3.82 -10.02
N LEU A 194 14.55 -4.71 -9.23
CA LEU A 194 13.14 -5.04 -9.44
C LEU A 194 12.26 -3.82 -9.21
N SER A 195 12.59 -3.00 -8.22
CA SER A 195 11.82 -1.78 -7.98
C SER A 195 11.91 -0.83 -9.18
N LEU A 196 13.11 -0.69 -9.75
CA LEU A 196 13.28 0.19 -10.90
C LEU A 196 12.51 -0.33 -12.11
N ILE A 197 12.49 -1.65 -12.30
CA ILE A 197 11.74 -2.24 -13.40
C ILE A 197 10.25 -1.97 -13.25
N ASN A 198 9.72 -2.11 -12.02
CA ASN A 198 8.30 -1.91 -11.79
C ASN A 198 7.84 -0.48 -12.04
N ASP A 199 8.74 0.49 -11.94
CA ASP A 199 8.41 1.88 -12.20
C ASP A 199 8.85 2.34 -13.58
N MET A 200 9.27 1.43 -14.45
CA MET A 200 9.65 1.82 -15.79
C MET A 200 8.41 2.08 -16.64
N PRO A 201 8.46 3.07 -17.54
CA PRO A 201 7.32 3.31 -18.44
C PRO A 201 7.20 2.24 -19.52
N ILE A 202 6.95 1.00 -19.10
CA ILE A 202 6.74 -0.12 -20.02
C ILE A 202 5.48 -0.86 -19.57
N THR A 203 5.09 -1.85 -20.38
CA THR A 203 3.91 -2.65 -20.06
C THR A 203 4.19 -3.60 -18.89
N ASN A 204 3.11 -4.09 -18.28
CA ASN A 204 3.26 -5.02 -17.17
C ASN A 204 3.85 -6.34 -17.62
N ASP A 205 3.51 -6.79 -18.84
CA ASP A 205 4.12 -8.01 -19.37
C ASP A 205 5.61 -7.83 -19.56
N GLN A 206 6.03 -6.64 -20.01
CA GLN A 206 7.46 -6.35 -20.11
C GLN A 206 8.12 -6.38 -18.74
N LYS A 207 7.44 -5.84 -17.72
CA LYS A 207 7.98 -5.90 -16.36
C LYS A 207 8.11 -7.35 -15.89
N LYS A 208 7.13 -8.19 -16.22
CA LYS A 208 7.24 -9.61 -15.91
C LYS A 208 8.43 -10.24 -16.65
N LEU A 209 8.65 -9.85 -17.90
CA LEU A 209 9.76 -10.39 -18.67
C LEU A 209 11.10 -10.05 -18.00
N MET A 210 11.28 -8.79 -17.60
CA MET A 210 12.54 -8.38 -16.98
C MET A 210 12.67 -8.88 -15.55
N SER A 211 11.57 -8.87 -14.79
CA SER A 211 11.64 -9.32 -13.41
C SER A 211 11.98 -10.81 -13.33
N ASN A 212 11.41 -11.62 -14.24
CA ASN A 212 11.73 -13.04 -14.26
C ASN A 212 13.19 -13.28 -14.63
N ASN A 213 13.78 -12.36 -15.40
CA ASN A 213 15.11 -12.57 -15.98
C ASN A 213 16.09 -11.48 -15.55
N VAL A 214 16.15 -11.21 -14.24
CA VAL A 214 16.95 -10.11 -13.72
C VAL A 214 18.41 -10.24 -14.15
N GLN A 215 18.94 -11.46 -14.10
CA GLN A 215 20.35 -11.67 -14.45
C GLN A 215 20.62 -11.31 -15.90
N ILE A 216 19.68 -11.61 -16.79
CA ILE A 216 19.83 -11.25 -18.20
C ILE A 216 19.77 -9.74 -18.37
N VAL A 217 18.91 -9.07 -17.61
CA VAL A 217 18.83 -7.60 -17.68
C VAL A 217 20.15 -6.98 -17.26
N ARG A 218 20.82 -7.57 -16.27
CA ARG A 218 22.11 -7.04 -15.82
C ARG A 218 23.14 -7.10 -16.94
N GLN A 219 23.16 -8.18 -17.71
CA GLN A 219 24.12 -8.32 -18.79
C GLN A 219 23.78 -7.43 -19.98
N GLN A 220 22.56 -6.91 -20.04
CA GLN A 220 22.14 -6.00 -21.11
C GLN A 220 22.22 -4.54 -20.70
N SER A 221 22.69 -4.25 -19.48
CA SER A 221 22.67 -2.91 -18.92
C SER A 221 24.08 -2.42 -18.62
N TYR A 222 24.19 -1.11 -18.37
CA TYR A 222 25.45 -0.47 -18.04
C TYR A 222 25.30 0.36 -16.78
N SER A 223 26.39 0.45 -16.02
CA SER A 223 26.49 1.36 -14.88
C SER A 223 27.60 2.36 -15.19
N ILE A 224 27.27 3.65 -15.13
CA ILE A 224 28.17 4.71 -15.59
C ILE A 224 28.38 5.69 -14.45
N MET A 225 29.64 5.84 -14.03
CA MET A 225 30.00 6.85 -13.04
C MET A 225 29.81 8.24 -13.62
N CYS A 226 29.16 9.13 -12.86
CA CYS A 226 28.92 10.50 -13.33
CA CYS A 226 28.92 10.49 -13.31
C CYS A 226 29.65 11.53 -12.49
N ILE A 227 29.41 11.58 -11.18
CA ILE A 227 29.77 12.76 -10.40
C ILE A 227 29.83 12.41 -8.92
N ILE A 228 30.72 13.09 -8.20
CA ILE A 228 30.60 13.29 -6.76
C ILE A 228 30.49 14.78 -6.53
N LYS A 229 29.42 15.21 -5.84
CA LYS A 229 29.23 16.62 -5.58
C LYS A 229 28.27 16.79 -4.40
N GLU A 230 28.67 17.63 -3.46
CA GLU A 230 27.79 18.07 -2.36
C GLU A 230 27.27 16.87 -1.57
N GLU A 231 28.20 16.00 -1.18
CA GLU A 231 27.92 14.80 -0.38
C GLU A 231 27.01 13.81 -1.09
N VAL A 232 26.99 13.82 -2.42
CA VAL A 232 26.18 12.88 -3.20
C VAL A 232 27.09 12.19 -4.21
N LEU A 233 27.08 10.87 -4.21
CA LEU A 233 27.70 10.07 -5.26
C LEU A 233 26.60 9.61 -6.20
N ALA A 234 26.70 10.01 -7.47
CA ALA A 234 25.67 9.72 -8.46
C ALA A 234 26.26 8.98 -9.64
N TYR A 235 25.66 7.85 -9.99
CA TYR A 235 26.01 7.12 -11.20
C TYR A 235 24.72 6.70 -11.89
N VAL A 236 24.79 6.55 -13.22
CA VAL A 236 23.63 6.29 -14.05
C VAL A 236 23.62 4.83 -14.46
N VAL A 237 22.48 4.17 -14.24
CA VAL A 237 22.25 2.80 -14.71
C VAL A 237 21.41 2.88 -15.98
N GLN A 238 21.94 2.32 -17.06
CA GLN A 238 21.32 2.39 -18.38
C GLN A 238 20.71 1.02 -18.71
N LEU A 239 19.38 0.96 -18.76
CA LEU A 239 18.70 -0.30 -18.96
C LEU A 239 18.05 -0.36 -20.35
N PRO A 240 17.99 -1.56 -20.94
CA PRO A 240 17.43 -1.67 -22.29
C PRO A 240 15.93 -1.49 -22.31
N LEU A 241 15.45 -0.94 -23.42
CA LEU A 241 14.02 -0.84 -23.71
C LEU A 241 13.70 -1.67 -24.94
N TYR A 242 12.70 -2.54 -24.81
CA TYR A 242 12.22 -3.36 -25.92
C TYR A 242 10.79 -2.92 -26.23
N GLY A 243 10.66 -1.95 -27.13
CA GLY A 243 9.35 -1.43 -27.48
C GLY A 243 9.15 -1.23 -28.97
N GLN B 1 -11.31 -33.17 37.87
CA GLN B 1 -11.81 -34.10 36.85
C GLN B 1 -12.67 -33.37 35.83
N ASN B 2 -12.46 -32.07 35.70
CA ASN B 2 -13.06 -31.31 34.61
C ASN B 2 -12.49 -31.79 33.29
N ILE B 3 -13.36 -32.26 32.40
CA ILE B 3 -12.94 -32.85 31.14
C ILE B 3 -13.06 -31.89 29.98
N THR B 4 -13.53 -30.67 30.22
CA THR B 4 -13.79 -29.73 29.13
C THR B 4 -12.51 -29.27 28.43
N GLU B 5 -11.38 -29.26 29.14
CA GLU B 5 -10.14 -28.78 28.55
C GLU B 5 -9.63 -29.70 27.43
N GLU B 6 -10.14 -30.92 27.34
CA GLU B 6 -9.88 -31.78 26.18
C GLU B 6 -10.71 -31.40 24.97
N PHE B 7 -11.55 -30.38 25.08
CA PHE B 7 -12.48 -30.00 24.02
C PHE B 7 -12.28 -28.53 23.66
N TYR B 8 -12.37 -28.22 22.36
CA TYR B 8 -12.57 -26.86 21.93
C TYR B 8 -13.98 -26.44 22.32
N GLN B 9 -14.13 -25.24 22.88
CA GLN B 9 -15.44 -24.77 23.33
C GLN B 9 -15.71 -23.38 22.79
N THR B 10 -16.87 -23.21 22.15
CA THR B 10 -17.28 -21.86 21.69
C THR B 10 -18.67 -21.57 22.25
N THR B 11 -19.28 -20.49 21.79
CA THR B 11 -20.60 -20.10 22.28
C THR B 11 -21.67 -21.10 21.88
N ALA B 12 -21.60 -21.62 20.66
CA ALA B 12 -22.60 -22.53 20.14
C ALA B 12 -22.06 -23.93 19.85
N SER B 13 -20.75 -24.15 20.00
CA SER B 13 -20.14 -25.39 19.54
C SER B 13 -19.07 -25.88 20.50
N ALA B 14 -18.84 -27.19 20.47
CA ALA B 14 -17.69 -27.80 21.13
C ALA B 14 -17.26 -29.02 20.32
N VAL B 15 -15.95 -29.18 20.17
CA VAL B 15 -15.36 -30.30 19.43
C VAL B 15 -14.21 -30.86 20.24
N SER B 16 -14.04 -32.18 20.16
CA SER B 16 -12.91 -32.84 20.82
C SER B 16 -11.61 -32.45 20.14
N LYS B 17 -10.62 -32.05 20.95
CA LYS B 17 -9.33 -31.64 20.39
C LYS B 17 -8.62 -32.79 19.71
N GLY B 18 -8.56 -33.95 20.37
CA GLY B 18 -7.88 -35.09 19.78
C GLY B 18 -8.58 -35.62 18.55
N TYR B 19 -9.91 -35.65 18.57
CA TYR B 19 -10.68 -36.11 17.42
C TYR B 19 -10.44 -35.23 16.20
N LEU B 20 -10.43 -33.90 16.40
CA LEU B 20 -10.19 -32.99 15.29
C LEU B 20 -8.78 -33.15 14.74
N SER B 21 -7.79 -33.33 15.59
CA SER B 21 -6.40 -33.41 15.10
C SER B 21 -6.19 -34.73 14.38
N ALA B 22 -6.87 -35.77 14.84
CA ALA B 22 -6.79 -37.04 14.13
C ALA B 22 -7.42 -36.96 12.75
N LEU B 23 -8.50 -36.18 12.61
CA LEU B 23 -9.18 -36.05 11.33
C LEU B 23 -8.39 -35.21 10.34
N ARG B 24 -7.43 -34.40 10.80
CA ARG B 24 -6.66 -33.57 9.89
C ARG B 24 -5.77 -34.44 9.01
N THR B 25 -5.83 -34.18 7.70
CA THR B 25 -5.03 -34.94 6.74
C THR B 25 -4.01 -34.08 6.00
N GLY B 26 -4.00 -32.78 6.21
CA GLY B 26 -3.05 -31.92 5.52
C GLY B 26 -3.21 -30.49 5.97
N TRP B 27 -2.40 -29.62 5.37
CA TRP B 27 -2.40 -28.20 5.70
C TRP B 27 -2.61 -27.37 4.44
N TYR B 28 -3.23 -26.22 4.61
CA TYR B 28 -3.42 -25.25 3.54
C TYR B 28 -2.73 -23.96 3.93
N THR B 29 -1.86 -23.46 3.04
CA THR B 29 -1.03 -22.30 3.34
C THR B 29 -1.43 -21.14 2.43
N SER B 30 -1.65 -19.98 3.03
CA SER B 30 -1.96 -18.76 2.32
C SER B 30 -0.98 -17.66 2.75
N VAL B 31 -0.61 -16.81 1.80
CA VAL B 31 0.36 -15.75 2.02
C VAL B 31 -0.39 -14.46 2.29
N ILE B 32 -0.24 -13.93 3.51
CA ILE B 32 -0.88 -12.68 3.91
C ILE B 32 0.17 -11.58 3.87
N THR B 33 -0.13 -10.51 3.15
CA THR B 33 0.83 -9.44 2.91
C THR B 33 0.31 -8.11 3.43
N ILE B 34 1.23 -7.32 3.98
CA ILE B 34 0.99 -5.92 4.32
C ILE B 34 1.99 -5.09 3.54
N GLU B 35 1.49 -4.13 2.77
CA GLU B 35 2.33 -3.30 1.92
CA GLU B 35 2.33 -3.31 1.93
C GLU B 35 2.87 -2.12 2.72
N LEU B 36 4.19 -1.96 2.72
CA LEU B 36 4.87 -0.91 3.46
C LEU B 36 5.47 0.11 2.50
N SER B 37 5.86 1.24 3.06
CA SER B 37 6.51 2.31 2.31
C SER B 37 7.81 2.70 3.01
N ASN B 38 8.83 3.01 2.22
CA ASN B 38 10.09 3.47 2.78
C ASN B 38 9.96 4.94 3.18
N ILE B 39 10.14 5.22 4.47
CA ILE B 39 10.09 6.59 4.96
C ILE B 39 11.15 6.79 6.03
N LYS B 40 12.29 7.37 5.67
CA LYS B 40 13.32 7.62 6.64
C LYS B 40 13.01 8.88 7.44
N GLU B 41 13.47 8.91 8.69
CA GLU B 41 13.09 9.96 9.63
C GLU B 41 13.28 11.35 9.03
N ASN B 42 12.18 12.09 8.93
CA ASN B 42 12.13 13.40 8.30
C ASN B 42 12.00 14.45 9.39
N LYS B 43 12.96 15.36 9.49
CA LYS B 43 12.92 16.44 10.47
C LYS B 43 12.49 17.73 9.78
N CYS B 44 11.37 18.30 10.24
CA CYS B 44 10.89 19.59 9.80
C CYS B 44 10.34 20.35 11.00
N ASN B 45 9.91 21.58 10.76
CA ASN B 45 9.27 22.39 11.80
C ASN B 45 7.92 21.81 12.20
N GLY B 46 7.79 21.28 13.41
CA GLY B 46 6.50 20.77 13.85
C GLY B 46 6.14 21.11 15.29
N THR B 47 5.03 21.83 15.48
CA THR B 47 4.60 22.16 16.84
C THR B 47 3.11 21.96 17.08
N ASP B 48 2.28 22.03 16.04
CA ASP B 48 0.85 22.04 16.30
C ASP B 48 0.33 20.62 16.56
N ALA B 49 -0.94 20.56 16.93
CA ALA B 49 -1.51 19.32 17.45
C ALA B 49 -1.47 18.19 16.42
N LYS B 50 -1.94 18.47 15.20
CA LYS B 50 -2.04 17.42 14.19
C LYS B 50 -0.66 16.94 13.73
N VAL B 51 0.31 17.86 13.64
CA VAL B 51 1.66 17.45 13.28
C VAL B 51 2.27 16.55 14.35
N LYS B 52 2.09 16.90 15.62
CA LYS B 52 2.65 16.08 16.69
C LYS B 52 2.04 14.68 16.68
N LEU B 53 0.75 14.57 16.36
CA LEU B 53 0.12 13.26 16.25
C LEU B 53 0.72 12.46 15.10
N ILE B 54 1.06 13.12 14.00
CA ILE B 54 1.58 12.42 12.83
C ILE B 54 2.95 11.83 13.11
N LYS B 55 3.85 12.63 13.67
CA LYS B 55 5.21 12.16 13.91
C LYS B 55 5.25 11.04 14.96
N GLN B 56 4.41 11.16 15.99
CA GLN B 56 4.30 10.08 16.96
C GLN B 56 3.84 8.79 16.29
N GLU B 57 2.83 8.89 15.44
CA GLU B 57 2.38 7.75 14.64
C GLU B 57 3.50 7.27 13.72
N LEU B 58 4.23 8.21 13.11
CA LEU B 58 5.34 7.85 12.23
C LEU B 58 6.45 7.15 13.00
N ASP B 59 6.72 7.61 14.23
CA ASP B 59 7.74 6.95 15.04
C ASP B 59 7.36 5.51 15.35
N LYS B 60 6.08 5.27 15.67
CA LYS B 60 5.63 3.91 15.95
C LYS B 60 5.71 3.03 14.71
N TYR B 61 5.40 3.60 13.54
CA TYR B 61 5.49 2.82 12.30
C TYR B 61 6.93 2.38 12.03
N LYS B 62 7.89 3.29 12.22
CA LYS B 62 9.29 2.95 11.95
C LYS B 62 9.82 1.91 12.92
N ASN B 63 9.48 2.05 14.21
CA ASN B 63 9.95 1.08 15.20
C ASN B 63 9.35 -0.30 14.96
N ALA B 64 8.11 -0.36 14.49
CA ALA B 64 7.49 -1.64 14.18
C ALA B 64 8.22 -2.35 13.04
N VAL B 65 8.59 -1.60 12.00
CA VAL B 65 9.29 -2.19 10.86
C VAL B 65 10.66 -2.72 11.30
N THR B 66 11.39 -1.91 12.07
CA THR B 66 12.71 -2.35 12.55
C THR B 66 12.60 -3.50 13.53
N ASP B 67 11.55 -3.53 14.35
CA ASP B 67 11.33 -4.67 15.24
C ASP B 67 11.13 -5.95 14.45
N LEU B 68 10.34 -5.89 13.38
CA LEU B 68 10.13 -7.06 12.54
C LEU B 68 11.38 -7.43 11.77
N GLN B 69 12.19 -6.43 11.38
CA GLN B 69 13.42 -6.72 10.65
C GLN B 69 14.41 -7.51 11.50
N LEU B 70 14.57 -7.13 12.76
CA LEU B 70 15.44 -7.88 13.66
C LEU B 70 14.78 -9.14 14.18
N LEU B 71 13.47 -9.30 14.00
CA LEU B 71 12.79 -10.53 14.38
C LEU B 71 13.06 -11.65 13.37
N MET B 72 13.10 -11.31 12.08
CA MET B 72 13.35 -12.31 11.04
C MET B 72 14.83 -12.65 10.88
N GLN B 73 15.70 -12.04 11.68
CA GLN B 73 17.14 -12.30 11.66
C GLN B 73 17.63 -13.00 12.91
N SER B 74 17.15 -12.59 14.09
CA SER B 74 17.52 -13.22 15.36
C SER B 74 16.54 -14.31 15.77
N THR B 75 16.26 -15.24 14.86
CA THR B 75 15.37 -16.36 15.17
C THR B 75 15.44 -17.38 14.04
N GLY B 79 12.23 -28.22 11.57
CA GLY B 79 12.58 -29.47 10.94
C GLY B 79 11.50 -30.00 10.01
N SER B 80 11.71 -31.21 9.48
CA SER B 80 10.68 -31.84 8.66
C SER B 80 9.47 -32.23 9.50
N GLY B 81 9.69 -32.62 10.74
CA GLY B 81 8.64 -33.02 11.66
C GLY B 81 7.98 -31.89 12.42
N SER B 82 8.23 -30.64 12.05
CA SER B 82 7.64 -29.52 12.74
C SER B 82 6.15 -29.41 12.43
N ALA B 83 5.41 -28.81 13.36
CA ALA B 83 3.99 -28.55 13.14
C ALA B 83 3.75 -27.52 12.04
N ILE B 84 4.74 -26.68 11.75
CA ILE B 84 4.61 -25.63 10.76
C ILE B 84 5.55 -25.86 9.57
N ALA B 85 5.96 -27.10 9.34
CA ALA B 85 6.87 -27.39 8.23
C ALA B 85 6.24 -27.04 6.89
N SER B 86 4.91 -27.17 6.77
CA SER B 86 4.24 -26.76 5.55
C SER B 86 4.36 -25.26 5.33
N GLY B 87 4.07 -24.46 6.36
CA GLY B 87 4.20 -23.02 6.24
C GLY B 87 5.63 -22.57 6.05
N VAL B 88 6.57 -23.23 6.74
CA VAL B 88 7.98 -22.88 6.62
C VAL B 88 8.47 -23.10 5.20
N ALA B 89 8.02 -24.19 4.57
CA ALA B 89 8.40 -24.46 3.18
C ALA B 89 7.98 -23.32 2.26
N VAL B 90 6.82 -22.71 2.53
CA VAL B 90 6.39 -21.58 1.73
C VAL B 90 7.25 -20.35 2.00
N CYS B 91 7.58 -20.10 3.29
CA CYS B 91 8.44 -18.97 3.61
C CYS B 91 9.79 -19.08 2.93
N LYS B 92 10.33 -20.31 2.84
CA LYS B 92 11.62 -20.51 2.20
C LYS B 92 11.56 -20.16 0.71
N VAL B 93 10.46 -20.52 0.05
CA VAL B 93 10.26 -20.11 -1.33
C VAL B 93 10.21 -18.59 -1.43
N LEU B 94 9.51 -17.95 -0.49
CA LEU B 94 9.41 -16.49 -0.49
C LEU B 94 10.77 -15.82 -0.34
N HIS B 95 11.77 -16.53 0.20
CA HIS B 95 13.11 -15.98 0.30
C HIS B 95 13.88 -16.05 -1.01
N LEU B 96 13.45 -16.88 -1.96
CA LEU B 96 14.08 -16.92 -3.27
C LEU B 96 13.87 -15.60 -3.99
N GLU B 97 14.88 -15.17 -4.74
CA GLU B 97 14.83 -13.87 -5.38
C GLU B 97 13.71 -13.81 -6.42
N GLY B 98 12.96 -12.71 -6.40
CA GLY B 98 11.87 -12.50 -7.32
C GLY B 98 10.52 -13.01 -6.85
N GLU B 99 10.48 -13.83 -5.79
CA GLU B 99 9.23 -14.43 -5.37
C GLU B 99 8.30 -13.40 -4.71
N VAL B 100 8.85 -12.58 -3.82
CA VAL B 100 8.04 -11.53 -3.20
C VAL B 100 7.58 -10.52 -4.24
N ASN B 101 8.42 -10.25 -5.23
CA ASN B 101 8.04 -9.32 -6.30
C ASN B 101 6.88 -9.86 -7.12
N LYS B 102 6.77 -11.18 -7.26
CA LYS B 102 5.62 -11.75 -7.96
C LYS B 102 4.33 -11.48 -7.20
N ILE B 103 4.34 -11.72 -5.88
CA ILE B 103 3.15 -11.45 -5.07
C ILE B 103 2.82 -9.95 -5.10
N LYS B 104 3.85 -9.11 -5.10
CA LYS B 104 3.65 -7.67 -5.16
C LYS B 104 2.93 -7.26 -6.44
N SER B 105 3.32 -7.85 -7.58
CA SER B 105 2.70 -7.51 -8.85
C SER B 105 1.25 -7.98 -8.92
N ALA B 106 0.99 -9.21 -8.45
CA ALA B 106 -0.36 -9.75 -8.52
C ALA B 106 -1.33 -9.00 -7.62
N LEU B 107 -0.84 -8.34 -6.57
CA LEU B 107 -1.68 -7.55 -5.67
C LEU B 107 -1.56 -6.06 -5.93
N LEU B 108 -1.20 -5.67 -7.15
CA LEU B 108 -1.06 -4.24 -7.46
C LEU B 108 -2.41 -3.55 -7.52
N SER B 109 -3.41 -4.21 -8.10
CA SER B 109 -4.74 -3.61 -8.27
C SER B 109 -5.85 -4.40 -7.61
N THR B 110 -5.53 -5.47 -6.89
CA THR B 110 -6.52 -6.21 -6.11
C THR B 110 -5.91 -6.58 -4.77
N ASN B 111 -6.79 -6.95 -3.84
CA ASN B 111 -6.38 -7.44 -2.52
C ASN B 111 -6.27 -8.95 -2.47
N LYS B 112 -6.48 -9.63 -3.59
CA LYS B 112 -6.72 -11.07 -3.59
C LYS B 112 -6.28 -11.64 -4.92
N ALA B 113 -5.39 -12.64 -4.89
CA ALA B 113 -4.90 -13.22 -6.14
C ALA B 113 -4.24 -14.56 -5.86
N VAL B 114 -4.44 -15.51 -6.78
CA VAL B 114 -3.71 -16.76 -6.77
C VAL B 114 -2.39 -16.55 -7.50
N VAL B 115 -1.29 -16.92 -6.85
CA VAL B 115 0.06 -16.66 -7.38
C VAL B 115 0.80 -17.98 -7.52
N SER B 116 1.41 -18.18 -8.68
CA SER B 116 2.20 -19.38 -8.96
C SER B 116 3.65 -19.11 -8.58
N LEU B 117 4.15 -19.84 -7.59
CA LEU B 117 5.53 -19.72 -7.17
C LEU B 117 6.41 -20.71 -7.92
N SER B 118 7.72 -20.59 -7.74
CA SER B 118 8.68 -21.22 -8.63
C SER B 118 8.89 -22.71 -8.38
N ASN B 119 8.36 -23.27 -7.29
CA ASN B 119 8.56 -24.68 -6.98
C ASN B 119 7.36 -25.54 -7.37
N GLY B 120 6.53 -25.06 -8.29
CA GLY B 120 5.31 -25.76 -8.65
C GLY B 120 4.17 -25.60 -7.69
N VAL B 121 4.26 -24.64 -6.78
CA VAL B 121 3.24 -24.42 -5.75
C VAL B 121 2.46 -23.17 -6.11
N SER B 122 1.13 -23.26 -6.04
CA SER B 122 0.25 -22.12 -6.20
C SER B 122 -0.35 -21.77 -4.84
N VAL B 123 -0.26 -20.49 -4.46
CA VAL B 123 -0.73 -20.03 -3.16
C VAL B 123 -1.71 -18.88 -3.36
N LEU B 124 -2.74 -18.86 -2.53
CA LEU B 124 -3.66 -17.73 -2.49
C LEU B 124 -3.06 -16.65 -1.61
N THR B 125 -3.04 -15.42 -2.11
CA THR B 125 -2.41 -14.30 -1.42
C THR B 125 -3.43 -13.21 -1.14
N PHE B 126 -3.31 -12.60 0.05
CA PHE B 126 -4.16 -11.50 0.47
C PHE B 126 -3.31 -10.27 0.77
N LYS B 127 -3.83 -9.11 0.42
CA LYS B 127 -3.31 -7.84 0.92
C LYS B 127 -4.33 -7.32 1.93
N VAL B 128 -4.03 -7.47 3.22
CA VAL B 128 -4.97 -7.11 4.27
C VAL B 128 -4.73 -5.71 4.83
N LEU B 129 -3.59 -5.10 4.53
CA LEU B 129 -3.29 -3.75 5.00
C LEU B 129 -2.39 -3.08 3.98
N ASP B 130 -2.84 -1.95 3.44
CA ASP B 130 -2.11 -1.22 2.42
C ASP B 130 -1.65 0.10 3.04
N LEU B 131 -0.51 0.05 3.73
CA LEU B 131 0.06 1.27 4.31
C LEU B 131 0.83 2.09 3.28
N LYS B 132 1.41 1.44 2.27
CA LYS B 132 2.17 2.17 1.25
C LYS B 132 1.28 3.14 0.49
N ASN B 133 0.06 2.71 0.15
CA ASN B 133 -0.87 3.58 -0.56
C ASN B 133 -1.22 4.80 0.28
N TYR B 134 -1.39 4.62 1.59
CA TYR B 134 -1.68 5.76 2.45
C TYR B 134 -0.46 6.66 2.58
N ILE B 135 0.72 6.07 2.83
CA ILE B 135 1.92 6.87 3.05
C ILE B 135 2.31 7.64 1.79
N ASP B 136 2.25 6.99 0.63
CA ASP B 136 2.67 7.64 -0.60
C ASP B 136 1.69 8.72 -1.05
N LYS B 137 0.40 8.52 -0.79
CA LYS B 137 -0.61 9.47 -1.25
C LYS B 137 -0.88 10.60 -0.27
N GLN B 138 -0.82 10.32 1.03
CA GLN B 138 -1.26 11.30 2.03
C GLN B 138 -0.14 11.79 2.93
N LEU B 139 0.82 10.94 3.29
CA LEU B 139 1.85 11.34 4.24
C LEU B 139 3.09 11.91 3.57
N LEU B 140 3.55 11.29 2.48
CA LEU B 140 4.74 11.76 1.79
C LEU B 140 4.59 13.17 1.24
N PRO B 141 3.51 13.53 0.54
CA PRO B 141 3.37 14.94 0.13
C PRO B 141 3.35 15.91 1.29
N ILE B 142 2.86 15.49 2.45
CA ILE B 142 2.85 16.34 3.63
C ILE B 142 4.27 16.65 4.10
N LEU B 143 5.10 15.61 4.23
CA LEU B 143 6.33 15.72 5.00
C LEU B 143 7.32 16.75 4.46
N ASN B 144 7.90 16.45 3.29
CA ASN B 144 9.09 17.08 2.72
C ASN B 144 9.47 18.43 3.33
N LYS B 145 9.48 19.49 2.50
CA LYS B 145 9.55 20.89 2.92
C LYS B 145 10.45 21.20 4.10
N GLN B 146 10.08 22.27 4.82
CA GLN B 146 10.50 22.54 6.18
C GLN B 146 9.28 22.89 7.02
N SER B 147 8.09 22.76 6.45
CA SER B 147 6.84 23.28 7.00
C SER B 147 5.73 22.24 6.91
N CYS B 148 6.02 21.03 7.39
CA CYS B 148 5.05 19.93 7.38
C CYS B 148 3.68 20.37 7.90
N SER B 149 2.65 20.12 7.09
CA SER B 149 1.31 20.62 7.37
C SER B 149 0.27 19.57 6.98
N ILE B 150 -0.82 19.52 7.74
CA ILE B 150 -1.82 18.46 7.66
C ILE B 150 -3.10 19.05 7.06
N PRO B 151 -3.75 18.39 6.10
CA PRO B 151 -4.98 18.94 5.52
C PRO B 151 -6.20 18.81 6.41
N ASN B 152 -6.34 17.71 7.15
CA ASN B 152 -7.49 17.51 8.03
C ASN B 152 -7.16 16.42 9.04
N ILE B 153 -8.06 16.26 10.01
CA ILE B 153 -7.90 15.25 11.05
C ILE B 153 -8.10 13.84 10.50
N GLU B 154 -8.85 13.69 9.40
CA GLU B 154 -9.18 12.36 8.90
C GLU B 154 -7.95 11.62 8.41
N THR B 155 -6.94 12.34 7.89
CA THR B 155 -5.71 11.67 7.49
C THR B 155 -4.92 11.17 8.70
N VAL B 156 -5.06 11.85 9.84
CA VAL B 156 -4.40 11.37 11.06
C VAL B 156 -5.07 10.08 11.54
N ILE B 157 -6.41 10.06 11.53
CA ILE B 157 -7.13 8.89 12.03
C ILE B 157 -6.89 7.68 11.15
N GLU B 158 -6.82 7.88 9.83
CA GLU B 158 -6.52 6.76 8.93
C GLU B 158 -5.16 6.15 9.25
N PHE B 159 -4.15 6.99 9.49
CA PHE B 159 -2.84 6.48 9.87
C PHE B 159 -2.91 5.71 11.18
N GLN B 160 -3.60 6.28 12.18
CA GLN B 160 -3.70 5.62 13.48
C GLN B 160 -4.42 4.29 13.37
N GLN B 161 -5.51 4.25 12.61
CA GLN B 161 -6.26 3.01 12.44
C GLN B 161 -5.42 1.95 11.74
N LYS B 162 -4.78 2.33 10.63
CA LYS B 162 -3.94 1.38 9.90
C LYS B 162 -2.71 0.98 10.72
N ASN B 163 -2.09 1.95 11.41
CA ASN B 163 -0.92 1.65 12.23
C ASN B 163 -1.27 0.73 13.39
N ASN B 164 -2.51 0.81 13.89
CA ASN B 164 -2.90 0.02 15.04
C ASN B 164 -2.82 -1.48 14.74
N ARG B 165 -3.20 -1.88 13.52
CA ARG B 165 -3.13 -3.29 13.17
C ARG B 165 -1.69 -3.74 12.97
N LEU B 166 -0.86 -2.90 12.34
CA LEU B 166 0.54 -3.25 12.15
C LEU B 166 1.25 -3.41 13.50
N LEU B 167 0.98 -2.49 14.43
CA LEU B 167 1.61 -2.57 15.75
C LEU B 167 1.24 -3.85 16.47
N GLU B 168 -0.03 -4.26 16.38
CA GLU B 168 -0.45 -5.44 17.12
C GLU B 168 0.05 -6.72 16.46
N ILE B 169 0.08 -6.76 15.13
CA ILE B 169 0.68 -7.89 14.44
C ILE B 169 2.15 -8.00 14.80
N THR B 170 2.84 -6.87 14.86
CA THR B 170 4.24 -6.87 15.29
C THR B 170 4.39 -7.35 16.73
N ARG B 171 3.48 -6.92 17.60
CA ARG B 171 3.54 -7.33 19.01
C ARG B 171 3.34 -8.84 19.16
N GLU B 172 2.37 -9.40 18.43
CA GLU B 172 2.12 -10.84 18.53
C GLU B 172 3.31 -11.64 18.03
N PHE B 173 3.89 -11.24 16.90
CA PHE B 173 5.06 -11.95 16.36
C PHE B 173 6.26 -11.82 17.30
N SER B 174 6.45 -10.64 17.89
CA SER B 174 7.64 -10.39 18.70
C SER B 174 7.66 -11.27 19.95
N VAL B 175 6.53 -11.38 20.64
CA VAL B 175 6.50 -12.16 21.89
C VAL B 175 6.39 -13.65 21.64
N ASN B 176 5.91 -14.07 20.48
CA ASN B 176 5.82 -15.48 20.11
C ASN B 176 7.00 -15.94 19.28
N ALA B 177 7.99 -15.07 19.07
CA ALA B 177 9.18 -15.38 18.27
C ALA B 177 8.82 -15.81 16.86
N GLY B 178 7.77 -15.20 16.30
CA GLY B 178 7.45 -15.33 14.90
C GLY B 178 6.38 -16.36 14.55
N VAL B 179 5.95 -17.18 15.50
CA VAL B 179 4.95 -18.21 15.25
C VAL B 179 3.87 -18.10 16.31
N THR B 180 2.63 -17.87 15.89
CA THR B 180 1.51 -17.64 16.80
C THR B 180 0.40 -18.64 16.55
N THR B 181 -0.25 -19.06 17.64
CA THR B 181 -1.48 -19.83 17.60
C THR B 181 -2.19 -19.63 18.92
N PRO B 182 -3.51 -19.40 18.95
CA PRO B 182 -4.43 -19.33 17.80
C PRO B 182 -4.22 -18.09 16.93
N VAL B 183 -4.68 -18.15 15.69
CA VAL B 183 -4.54 -17.01 14.77
C VAL B 183 -5.54 -15.94 15.18
N SER B 184 -5.01 -14.76 15.52
CA SER B 184 -5.84 -13.69 16.04
C SER B 184 -6.59 -12.98 14.92
N THR B 185 -7.58 -12.17 15.33
CA THR B 185 -8.31 -11.36 14.35
C THR B 185 -7.45 -10.28 13.73
N TYR B 186 -6.34 -9.91 14.38
CA TYR B 186 -5.41 -8.96 13.78
C TYR B 186 -4.59 -9.62 12.68
N MET B 187 -4.18 -10.87 12.89
CA MET B 187 -3.53 -11.64 11.83
C MET B 187 -4.49 -11.86 10.66
N LEU B 188 -5.74 -12.20 10.96
CA LEU B 188 -6.75 -12.47 9.95
C LEU B 188 -8.10 -12.13 10.55
N THR B 189 -8.77 -11.12 10.01
CA THR B 189 -10.09 -10.77 10.52
C THR B 189 -11.09 -11.87 10.18
N ASN B 190 -12.25 -11.83 10.82
CA ASN B 190 -13.29 -12.82 10.55
C ASN B 190 -13.72 -12.77 9.09
N SER B 191 -13.88 -11.57 8.54
CA SER B 191 -14.22 -11.44 7.12
C SER B 191 -13.11 -12.01 6.23
N GLU B 192 -11.85 -11.70 6.56
CA GLU B 192 -10.75 -12.24 5.76
C GLU B 192 -10.67 -13.74 5.86
N LEU B 193 -10.84 -14.30 7.06
CA LEU B 193 -10.77 -15.75 7.24
C LEU B 193 -11.91 -16.45 6.50
N LEU B 194 -13.12 -15.88 6.54
CA LEU B 194 -14.25 -16.46 5.83
C LEU B 194 -14.00 -16.46 4.32
N SER B 195 -13.42 -15.37 3.80
CA SER B 195 -13.10 -15.33 2.38
C SER B 195 -12.05 -16.37 2.02
N LEU B 196 -11.05 -16.56 2.89
CA LEU B 196 -10.05 -17.58 2.65
C LEU B 196 -10.66 -18.97 2.63
N ILE B 197 -11.57 -19.25 3.57
CA ILE B 197 -12.25 -20.54 3.62
C ILE B 197 -13.05 -20.77 2.34
N ASN B 198 -13.70 -19.72 1.84
CA ASN B 198 -14.50 -19.83 0.63
C ASN B 198 -13.68 -20.20 -0.60
N ASP B 199 -12.37 -19.95 -0.58
CA ASP B 199 -11.49 -20.26 -1.69
C ASP B 199 -10.61 -21.46 -1.45
N MET B 200 -10.76 -22.12 -0.31
CA MET B 200 -9.98 -23.31 -0.03
C MET B 200 -10.46 -24.45 -0.92
N PRO B 201 -9.55 -25.30 -1.41
CA PRO B 201 -9.95 -26.40 -2.29
C PRO B 201 -10.60 -27.56 -1.53
N ILE B 202 -11.75 -27.27 -0.92
CA ILE B 202 -12.49 -28.23 -0.12
C ILE B 202 -13.95 -28.23 -0.55
N THR B 203 -14.70 -29.19 -0.04
CA THR B 203 -16.11 -29.29 -0.37
C THR B 203 -16.89 -28.15 0.27
N ASN B 204 -18.08 -27.89 -0.29
CA ASN B 204 -18.90 -26.80 0.23
C ASN B 204 -19.44 -27.08 1.62
N ASP B 205 -19.62 -28.37 1.97
CA ASP B 205 -20.04 -28.71 3.32
C ASP B 205 -18.97 -28.37 4.34
N GLN B 206 -17.69 -28.61 4.00
CA GLN B 206 -16.61 -28.26 4.92
C GLN B 206 -16.45 -26.75 5.01
N LYS B 207 -16.65 -26.03 3.91
CA LYS B 207 -16.66 -24.58 3.97
C LYS B 207 -17.70 -24.07 4.96
N LYS B 208 -18.86 -24.72 4.99
CA LYS B 208 -19.88 -24.37 5.98
C LYS B 208 -19.43 -24.74 7.38
N LEU B 209 -18.79 -25.90 7.54
CA LEU B 209 -18.34 -26.32 8.86
C LEU B 209 -17.29 -25.36 9.42
N MET B 210 -16.32 -24.98 8.59
CA MET B 210 -15.28 -24.05 9.04
C MET B 210 -15.84 -22.65 9.24
N SER B 211 -16.77 -22.22 8.39
CA SER B 211 -17.37 -20.90 8.53
C SER B 211 -18.19 -20.81 9.81
N ASN B 212 -18.90 -21.88 10.16
CA ASN B 212 -19.70 -21.89 11.38
C ASN B 212 -18.84 -21.88 12.63
N ASN B 213 -17.59 -22.33 12.54
CA ASN B 213 -16.72 -22.55 13.69
C ASN B 213 -15.39 -21.84 13.50
N VAL B 214 -15.45 -20.55 13.16
CA VAL B 214 -14.24 -19.79 12.85
C VAL B 214 -13.31 -19.76 14.05
N GLN B 215 -13.86 -19.65 15.26
CA GLN B 215 -13.02 -19.61 16.45
C GLN B 215 -12.21 -20.89 16.61
N ILE B 216 -12.82 -22.04 16.33
CA ILE B 216 -12.12 -23.31 16.43
C ILE B 216 -11.04 -23.42 15.34
N VAL B 217 -11.34 -22.90 14.15
CA VAL B 217 -10.35 -22.91 13.07
C VAL B 217 -9.12 -22.11 13.47
N ARG B 218 -9.32 -20.98 14.15
CA ARG B 218 -8.20 -20.16 14.59
C ARG B 218 -7.29 -20.94 15.55
N GLN B 219 -7.88 -21.73 16.44
CA GLN B 219 -7.10 -22.51 17.40
C GLN B 219 -6.44 -23.73 16.78
N GLN B 220 -6.82 -24.10 15.55
CA GLN B 220 -6.17 -25.18 14.82
C GLN B 220 -5.17 -24.68 13.79
N SER B 221 -4.94 -23.38 13.72
CA SER B 221 -4.12 -22.76 12.68
C SER B 221 -2.93 -22.05 13.28
N TYR B 222 -1.96 -21.72 12.42
CA TYR B 222 -0.76 -21.01 12.80
C TYR B 222 -0.57 -19.80 11.89
N SER B 223 0.06 -18.76 12.44
CA SER B 223 0.51 -17.61 11.67
C SER B 223 2.03 -17.56 11.76
N ILE B 224 2.70 -17.53 10.61
CA ILE B 224 4.14 -17.73 10.53
C ILE B 224 4.77 -16.52 9.84
N MET B 225 5.62 -15.80 10.58
CA MET B 225 6.35 -14.67 10.04
C MET B 225 7.37 -15.14 9.00
N CYS B 226 7.21 -14.71 7.76
CA CYS B 226 8.17 -15.12 6.72
C CYS B 226 9.29 -14.11 6.52
N ILE B 227 8.95 -12.88 6.12
CA ILE B 227 9.95 -11.99 5.56
C ILE B 227 9.43 -10.57 5.52
N ILE B 228 10.33 -9.61 5.68
CA ILE B 228 10.11 -8.21 5.28
C ILE B 228 11.14 -7.90 4.21
N LYS B 229 10.66 -7.65 2.99
CA LYS B 229 11.55 -7.42 1.86
C LYS B 229 10.79 -6.67 0.78
N GLU B 230 11.46 -5.70 0.15
CA GLU B 230 10.90 -4.95 -0.98
C GLU B 230 9.58 -4.29 -0.60
N GLU B 231 9.56 -3.67 0.59
CA GLU B 231 8.40 -2.93 1.09
C GLU B 231 7.17 -3.82 1.23
N VAL B 232 7.38 -5.10 1.48
CA VAL B 232 6.28 -6.05 1.68
C VAL B 232 6.55 -6.81 2.97
N LEU B 233 5.56 -6.79 3.88
CA LEU B 233 5.55 -7.66 5.04
C LEU B 233 4.63 -8.84 4.73
N ALA B 234 5.18 -10.05 4.74
CA ALA B 234 4.44 -11.25 4.36
C ALA B 234 4.55 -12.30 5.44
N TYR B 235 3.41 -12.86 5.84
CA TYR B 235 3.38 -13.99 6.75
C TYR B 235 2.39 -15.03 6.22
N VAL B 236 2.61 -16.28 6.60
CA VAL B 236 1.83 -17.41 6.10
C VAL B 236 0.90 -17.89 7.19
N VAL B 237 -0.38 -18.00 6.87
CA VAL B 237 -1.38 -18.61 7.74
C VAL B 237 -1.56 -20.05 7.31
N GLN B 238 -1.31 -20.98 8.24
CA GLN B 238 -1.35 -22.41 7.96
C GLN B 238 -2.63 -22.97 8.55
N LEU B 239 -3.53 -23.44 7.68
CA LEU B 239 -4.86 -23.85 8.10
C LEU B 239 -5.05 -25.35 7.90
N PRO B 240 -5.83 -26.00 8.76
CA PRO B 240 -5.98 -27.46 8.66
C PRO B 240 -6.86 -27.87 7.49
N LEU B 241 -6.52 -29.01 6.90
CA LEU B 241 -7.34 -29.68 5.89
C LEU B 241 -7.85 -31.00 6.46
N TYR B 242 -9.14 -31.29 6.27
CA TYR B 242 -9.80 -32.45 6.86
C TYR B 242 -10.35 -33.40 5.78
N GLY B 243 -9.55 -33.63 4.75
CA GLY B 243 -9.99 -34.43 3.61
C GLY B 243 -9.90 -35.94 3.86
N GLN C 1 -25.91 47.76 -6.32
CA GLN C 1 -26.65 46.65 -6.91
C GLN C 1 -26.11 45.33 -6.40
N ASN C 2 -27.00 44.46 -5.92
CA ASN C 2 -26.58 43.27 -5.20
C ASN C 2 -25.91 42.29 -6.16
N ILE C 3 -24.67 41.92 -5.83
CA ILE C 3 -23.85 41.04 -6.68
C ILE C 3 -23.36 39.82 -5.92
N THR C 4 -23.72 39.70 -4.64
CA THR C 4 -23.28 38.57 -3.82
C THR C 4 -23.82 37.22 -4.30
N GLU C 5 -24.87 37.21 -5.11
CA GLU C 5 -25.38 35.94 -5.63
C GLU C 5 -24.45 35.33 -6.66
N GLU C 6 -23.46 36.08 -7.14
CA GLU C 6 -22.42 35.55 -8.01
C GLU C 6 -21.28 34.89 -7.24
N PHE C 7 -21.32 34.91 -5.91
CA PHE C 7 -20.21 34.48 -5.07
C PHE C 7 -20.65 33.39 -4.10
N TYR C 8 -19.79 32.40 -3.92
CA TYR C 8 -19.95 31.45 -2.83
C TYR C 8 -19.54 32.11 -1.52
N GLN C 9 -20.43 32.08 -0.52
CA GLN C 9 -20.08 32.53 0.84
C GLN C 9 -20.70 31.55 1.83
N THR C 10 -19.96 30.47 2.12
CA THR C 10 -20.35 29.53 3.16
C THR C 10 -19.61 29.77 4.47
N THR C 11 -19.55 31.04 4.90
CA THR C 11 -18.77 31.42 6.08
C THR C 11 -17.37 30.82 6.07
N ALA C 12 -16.82 30.60 4.88
CA ALA C 12 -15.45 30.09 4.73
C ALA C 12 -14.58 30.98 3.87
N SER C 13 -15.09 31.41 2.71
CA SER C 13 -14.40 32.36 1.85
C SER C 13 -15.30 32.87 0.74
N ALA C 14 -15.29 34.17 0.49
CA ALA C 14 -16.04 34.76 -0.61
C ALA C 14 -15.34 34.41 -1.92
N VAL C 15 -15.89 33.42 -2.63
CA VAL C 15 -15.27 32.88 -3.83
C VAL C 15 -16.22 33.08 -5.00
N SER C 16 -15.70 33.62 -6.10
CA SER C 16 -16.50 33.81 -7.30
C SER C 16 -16.90 32.46 -7.88
N LYS C 17 -18.21 32.30 -8.15
CA LYS C 17 -18.69 31.06 -8.73
C LYS C 17 -18.12 30.84 -10.14
N GLY C 18 -18.10 31.90 -10.95
CA GLY C 18 -17.59 31.77 -12.30
C GLY C 18 -16.10 31.47 -12.34
N TYR C 19 -15.31 32.17 -11.53
CA TYR C 19 -13.87 31.93 -11.50
C TYR C 19 -13.55 30.53 -11.01
N LEU C 20 -14.26 30.06 -9.98
CA LEU C 20 -14.05 28.72 -9.47
C LEU C 20 -14.43 27.67 -10.51
N SER C 21 -15.57 27.87 -11.16
CA SER C 21 -16.01 26.92 -12.21
C SER C 21 -15.00 26.90 -13.37
N ALA C 22 -14.48 28.05 -13.75
CA ALA C 22 -13.52 28.12 -14.85
C ALA C 22 -12.24 27.37 -14.53
N LEU C 23 -11.87 27.28 -13.26
CA LEU C 23 -10.62 26.65 -12.86
C LEU C 23 -10.71 25.12 -12.85
N ARG C 24 -11.90 24.55 -12.92
CA ARG C 24 -12.03 23.10 -13.00
C ARG C 24 -11.40 22.58 -14.29
N THR C 25 -10.67 21.49 -14.18
CA THR C 25 -10.05 20.86 -15.34
C THR C 25 -10.46 19.41 -15.52
N GLY C 26 -11.22 18.84 -14.60
CA GLY C 26 -11.63 17.46 -14.72
C GLY C 26 -12.51 17.07 -13.54
N TRP C 27 -12.94 15.82 -13.56
CA TRP C 27 -13.79 15.26 -12.51
C TRP C 27 -13.10 14.07 -11.87
N TYR C 28 -13.30 13.92 -10.57
CA TYR C 28 -12.84 12.77 -9.81
C TYR C 28 -14.08 12.01 -9.33
N THR C 29 -14.29 10.82 -9.86
CA THR C 29 -15.48 10.03 -9.59
C THR C 29 -15.18 8.96 -8.55
N SER C 30 -16.12 8.79 -7.61
CA SER C 30 -15.98 7.81 -6.54
C SER C 30 -17.32 7.10 -6.34
N VAL C 31 -17.25 5.84 -5.94
CA VAL C 31 -18.44 5.02 -5.72
C VAL C 31 -18.68 4.89 -4.22
N ILE C 32 -19.90 5.21 -3.79
CA ILE C 32 -20.30 5.14 -2.39
C ILE C 32 -21.28 4.00 -2.24
N THR C 33 -21.01 3.10 -1.30
CA THR C 33 -21.81 1.89 -1.11
C THR C 33 -22.38 1.85 0.29
N ILE C 34 -23.66 1.46 0.38
CA ILE C 34 -24.34 1.23 1.66
C ILE C 34 -24.84 -0.20 1.66
N GLU C 35 -24.45 -0.96 2.69
CA GLU C 35 -24.87 -2.35 2.80
C GLU C 35 -26.28 -2.43 3.38
N LEU C 36 -27.14 -3.20 2.72
CA LEU C 36 -28.53 -3.33 3.12
C LEU C 36 -28.85 -4.78 3.49
N SER C 37 -29.98 -4.95 4.15
CA SER C 37 -30.52 -6.27 4.45
C SER C 37 -31.67 -6.57 3.49
N ASN C 38 -31.58 -7.70 2.80
CA ASN C 38 -32.62 -8.13 1.87
C ASN C 38 -33.59 -9.01 2.66
N ILE C 39 -34.69 -8.42 3.13
CA ILE C 39 -35.67 -9.12 3.94
C ILE C 39 -37.06 -8.86 3.37
N LYS C 40 -37.85 -9.91 3.27
CA LYS C 40 -39.26 -9.78 2.90
C LYS C 40 -40.10 -9.48 4.14
N GLU C 41 -41.36 -9.12 3.91
CA GLU C 41 -42.25 -8.86 5.02
C GLU C 41 -42.52 -10.18 5.77
N ASN C 42 -42.37 -10.13 7.08
CA ASN C 42 -42.50 -11.31 7.94
C ASN C 42 -43.62 -11.01 8.93
N LYS C 43 -44.81 -11.55 8.67
CA LYS C 43 -45.95 -11.32 9.55
C LYS C 43 -45.91 -12.31 10.71
N CYS C 44 -45.84 -11.79 11.93
CA CYS C 44 -45.93 -12.59 13.13
C CYS C 44 -46.88 -11.90 14.11
N ASN C 45 -47.17 -12.59 15.21
CA ASN C 45 -48.04 -12.03 16.23
C ASN C 45 -47.40 -10.79 16.86
N GLY C 46 -47.96 -9.62 16.55
CA GLY C 46 -47.45 -8.37 17.09
C GLY C 46 -48.56 -7.54 17.69
N THR C 47 -48.46 -7.26 19.00
CA THR C 47 -49.54 -6.59 19.73
C THR C 47 -49.14 -5.22 20.26
N ASP C 48 -48.05 -5.13 21.02
CA ASP C 48 -47.73 -3.90 21.72
C ASP C 48 -47.22 -2.84 20.75
N ALA C 49 -47.07 -1.61 21.29
CA ALA C 49 -46.73 -0.46 20.46
C ALA C 49 -45.32 -0.56 19.89
N LYS C 50 -44.37 -1.07 20.68
CA LYS C 50 -42.98 -1.12 20.23
C LYS C 50 -42.82 -1.96 18.97
N VAL C 51 -43.57 -3.06 18.87
CA VAL C 51 -43.53 -3.85 17.65
C VAL C 51 -44.09 -3.05 16.47
N LYS C 52 -45.21 -2.35 16.67
CA LYS C 52 -45.77 -1.52 15.61
C LYS C 52 -44.79 -0.45 15.15
N LEU C 53 -44.08 0.18 16.09
CA LEU C 53 -43.09 1.19 15.73
C LEU C 53 -41.97 0.60 14.89
N ILE C 54 -41.54 -0.62 15.22
CA ILE C 54 -40.47 -1.25 14.46
C ILE C 54 -40.95 -1.61 13.05
N LYS C 55 -42.13 -2.23 12.95
CA LYS C 55 -42.66 -2.60 11.64
C LYS C 55 -42.92 -1.37 10.77
N GLN C 56 -43.40 -0.28 11.38
CA GLN C 56 -43.59 0.95 10.62
C GLN C 56 -42.27 1.47 10.08
N GLU C 57 -41.23 1.49 10.92
CA GLU C 57 -39.90 1.85 10.43
C GLU C 57 -39.35 0.80 9.48
N LEU C 58 -39.67 -0.47 9.71
CA LEU C 58 -39.31 -1.51 8.75
C LEU C 58 -39.97 -1.28 7.41
N ASP C 59 -41.24 -0.86 7.42
CA ASP C 59 -41.93 -0.56 6.16
C ASP C 59 -41.19 0.52 5.40
N LYS C 60 -40.85 1.61 6.07
CA LYS C 60 -40.14 2.70 5.41
C LYS C 60 -38.77 2.25 4.90
N TYR C 61 -38.15 1.28 5.58
CA TYR C 61 -36.95 0.67 5.03
C TYR C 61 -37.25 -0.02 3.70
N LYS C 62 -38.41 -0.69 3.61
CA LYS C 62 -38.74 -1.41 2.38
C LYS C 62 -39.14 -0.48 1.25
N ASN C 63 -39.82 0.60 1.59
CA ASN C 63 -40.26 1.62 0.61
C ASN C 63 -39.05 2.23 -0.09
N ALA C 64 -38.01 2.63 0.65
CA ALA C 64 -36.80 3.26 0.12
C ALA C 64 -36.07 2.31 -0.81
N VAL C 65 -35.96 1.03 -0.43
CA VAL C 65 -35.36 0.03 -1.30
C VAL C 65 -36.17 -0.11 -2.58
N THR C 66 -37.51 -0.18 -2.46
CA THR C 66 -38.35 -0.29 -3.65
C THR C 66 -38.26 0.97 -4.50
N ASP C 67 -38.28 2.14 -3.87
CA ASP C 67 -38.16 3.38 -4.63
C ASP C 67 -36.81 3.48 -5.33
N LEU C 68 -35.73 3.08 -4.64
CA LEU C 68 -34.42 3.07 -5.27
C LEU C 68 -34.33 2.04 -6.39
N GLN C 69 -35.04 0.91 -6.24
CA GLN C 69 -35.04 -0.09 -7.30
C GLN C 69 -35.71 0.46 -8.57
N LEU C 70 -36.76 1.25 -8.40
CA LEU C 70 -37.34 1.96 -9.54
C LEU C 70 -36.39 3.04 -10.04
N LEU C 71 -35.69 3.71 -9.12
CA LEU C 71 -34.76 4.77 -9.50
C LEU C 71 -33.56 4.24 -10.27
N MET C 72 -33.14 3.00 -9.99
CA MET C 72 -32.04 2.42 -10.76
C MET C 72 -32.48 2.07 -12.18
N GLN C 73 -33.78 1.83 -12.39
CA GLN C 73 -34.32 1.60 -13.72
C GLN C 73 -34.74 2.91 -14.38
N SER C 74 -35.60 3.68 -13.70
CA SER C 74 -36.02 4.99 -14.19
C SER C 74 -34.98 6.03 -13.85
N THR C 75 -34.38 6.65 -14.87
CA THR C 75 -33.43 7.73 -14.63
C THR C 75 -33.43 8.71 -15.80
N GLY C 79 -24.76 11.87 -22.04
CA GLY C 79 -24.91 12.33 -23.41
C GLY C 79 -23.63 12.89 -23.98
N SER C 80 -22.51 12.61 -23.31
CA SER C 80 -21.15 13.01 -23.68
C SER C 80 -20.93 14.51 -23.60
N GLY C 81 -21.97 15.29 -23.32
CA GLY C 81 -21.84 16.71 -23.02
C GLY C 81 -22.47 16.97 -21.68
N SER C 82 -22.99 15.89 -21.09
CA SER C 82 -23.58 15.97 -19.76
C SER C 82 -22.53 16.36 -18.73
N ALA C 83 -22.95 17.16 -17.74
CA ALA C 83 -22.07 17.48 -16.64
C ALA C 83 -21.72 16.26 -15.80
N ILE C 84 -22.47 15.17 -15.95
CA ILE C 84 -22.30 13.96 -15.15
C ILE C 84 -21.91 12.77 -16.02
N ALA C 85 -21.41 13.02 -17.23
CA ALA C 85 -21.04 11.91 -18.11
C ALA C 85 -19.89 11.09 -17.53
N SER C 86 -19.04 11.70 -16.69
CA SER C 86 -18.01 10.94 -16.01
C SER C 86 -18.62 9.93 -15.02
N GLY C 87 -19.55 10.40 -14.19
CA GLY C 87 -20.21 9.50 -13.26
C GLY C 87 -21.10 8.49 -13.95
N VAL C 88 -21.78 8.91 -15.02
CA VAL C 88 -22.67 8.00 -15.76
C VAL C 88 -21.87 6.85 -16.35
N ALA C 89 -20.70 7.13 -16.90
CA ALA C 89 -19.85 6.08 -17.42
C ALA C 89 -19.47 5.08 -16.34
N VAL C 90 -19.23 5.58 -15.11
CA VAL C 90 -18.94 4.68 -14.00
C VAL C 90 -20.17 3.88 -13.62
N CYS C 91 -21.36 4.51 -13.64
CA CYS C 91 -22.58 3.77 -13.33
CA CYS C 91 -22.58 3.77 -13.33
C CYS C 91 -22.79 2.61 -14.30
N LYS C 92 -22.51 2.84 -15.59
CA LYS C 92 -22.72 1.80 -16.58
C LYS C 92 -21.85 0.57 -16.29
N VAL C 93 -20.61 0.79 -15.86
CA VAL C 93 -19.75 -0.33 -15.51
C VAL C 93 -20.30 -1.07 -14.29
N LEU C 94 -20.86 -0.32 -13.33
CA LEU C 94 -21.45 -0.95 -12.15
C LEU C 94 -22.61 -1.87 -12.49
N HIS C 95 -23.28 -1.65 -13.65
CA HIS C 95 -24.39 -2.50 -14.04
C HIS C 95 -23.92 -3.86 -14.55
N LEU C 96 -22.65 -3.99 -14.93
CA LEU C 96 -22.13 -5.29 -15.32
C LEU C 96 -22.24 -6.26 -14.16
N GLU C 97 -22.68 -7.48 -14.47
CA GLU C 97 -22.92 -8.47 -13.42
C GLU C 97 -21.61 -8.91 -12.80
N GLY C 98 -21.64 -9.15 -11.48
CA GLY C 98 -20.46 -9.50 -10.73
C GLY C 98 -19.69 -8.33 -10.15
N GLU C 99 -20.09 -7.09 -10.47
CA GLU C 99 -19.37 -5.93 -9.97
C GLU C 99 -19.60 -5.74 -8.48
N VAL C 100 -20.81 -6.01 -8.00
CA VAL C 100 -21.10 -5.89 -6.57
C VAL C 100 -20.23 -6.86 -5.78
N ASN C 101 -20.10 -8.09 -6.27
CA ASN C 101 -19.22 -9.07 -5.62
C ASN C 101 -17.77 -8.60 -5.66
N LYS C 102 -17.34 -8.00 -6.77
CA LYS C 102 -15.98 -7.50 -6.87
C LYS C 102 -15.72 -6.39 -5.85
N ILE C 103 -16.70 -5.49 -5.67
CA ILE C 103 -16.56 -4.42 -4.68
C ILE C 103 -16.49 -4.99 -3.28
N LYS C 104 -17.34 -5.98 -2.98
CA LYS C 104 -17.34 -6.60 -1.66
C LYS C 104 -15.98 -7.23 -1.36
N SER C 105 -15.42 -7.96 -2.33
CA SER C 105 -14.14 -8.61 -2.12
C SER C 105 -13.01 -7.60 -1.99
N ALA C 106 -13.07 -6.50 -2.76
CA ALA C 106 -12.03 -5.50 -2.70
C ALA C 106 -12.03 -4.75 -1.37
N LEU C 107 -13.21 -4.55 -0.78
CA LEU C 107 -13.34 -3.87 0.50
C LEU C 107 -13.32 -4.83 1.68
N LEU C 108 -12.63 -5.97 1.54
CA LEU C 108 -12.60 -6.98 2.58
C LEU C 108 -11.92 -6.47 3.85
N SER C 109 -10.84 -5.71 3.70
CA SER C 109 -10.03 -5.29 4.82
C SER C 109 -10.15 -3.82 5.16
N THR C 110 -10.80 -3.02 4.31
CA THR C 110 -10.88 -1.58 4.52
C THR C 110 -12.22 -1.08 4.03
N ASN C 111 -12.64 0.06 4.59
CA ASN C 111 -13.91 0.66 4.18
CA ASN C 111 -13.90 0.69 4.20
C ASN C 111 -13.78 1.50 2.92
N LYS C 112 -12.57 1.67 2.40
CA LYS C 112 -12.37 2.46 1.19
C LYS C 112 -11.04 2.10 0.54
N ALA C 113 -11.06 1.94 -0.78
CA ALA C 113 -9.89 1.54 -1.55
C ALA C 113 -10.23 1.70 -3.03
N VAL C 114 -9.19 1.78 -3.86
CA VAL C 114 -9.36 1.88 -5.29
C VAL C 114 -9.62 0.49 -5.87
N VAL C 115 -10.73 0.35 -6.60
CA VAL C 115 -11.17 -0.94 -7.12
C VAL C 115 -11.11 -0.88 -8.64
N SER C 116 -10.56 -1.94 -9.24
CA SER C 116 -10.47 -2.05 -10.70
C SER C 116 -11.72 -2.74 -11.20
N LEU C 117 -12.66 -1.95 -11.73
CA LEU C 117 -13.90 -2.51 -12.24
C LEU C 117 -13.65 -3.22 -13.57
N SER C 118 -14.73 -3.69 -14.21
CA SER C 118 -14.65 -4.74 -15.24
C SER C 118 -13.91 -4.34 -16.50
N ASN C 119 -13.40 -3.12 -16.61
CA ASN C 119 -12.72 -2.63 -17.81
C ASN C 119 -11.60 -1.71 -17.33
N GLY C 120 -11.09 -0.88 -18.23
CA GLY C 120 -10.05 0.06 -17.84
C GLY C 120 -10.59 1.20 -17.00
N VAL C 121 -11.40 0.85 -15.99
CA VAL C 121 -12.00 1.80 -15.08
C VAL C 121 -11.53 1.45 -13.67
N SER C 122 -10.91 2.42 -13.00
CA SER C 122 -10.41 2.24 -11.64
C SER C 122 -10.92 3.39 -10.81
N VAL C 123 -11.74 3.08 -9.81
CA VAL C 123 -12.48 4.09 -9.05
C VAL C 123 -12.32 3.83 -7.56
N LEU C 124 -12.10 4.89 -6.80
CA LEU C 124 -12.13 4.78 -5.34
C LEU C 124 -13.54 4.44 -4.87
N THR C 125 -13.66 3.41 -4.04
CA THR C 125 -14.95 2.93 -3.56
C THR C 125 -15.00 3.06 -2.05
N PHE C 126 -16.14 3.53 -1.54
CA PHE C 126 -16.31 3.85 -0.12
C PHE C 126 -17.55 3.17 0.42
N LYS C 127 -17.39 2.45 1.53
CA LYS C 127 -18.53 1.88 2.26
C LYS C 127 -18.78 2.78 3.47
N VAL C 128 -19.91 3.49 3.46
CA VAL C 128 -20.16 4.53 4.45
C VAL C 128 -21.20 4.12 5.49
N LEU C 129 -22.04 3.12 5.21
CA LEU C 129 -23.04 2.68 6.17
C LEU C 129 -23.24 1.19 6.00
N ASP C 130 -23.45 0.49 7.12
CA ASP C 130 -23.73 -0.94 7.11
C ASP C 130 -25.05 -1.14 7.86
N LEU C 131 -26.16 -0.96 7.13
CA LEU C 131 -27.46 -1.24 7.72
C LEU C 131 -27.70 -2.74 7.83
N LYS C 132 -27.03 -3.53 6.99
CA LYS C 132 -27.16 -4.98 7.08
C LYS C 132 -26.73 -5.47 8.46
N ASN C 133 -25.59 -4.97 8.95
CA ASN C 133 -25.08 -5.43 10.24
C ASN C 133 -26.03 -5.06 11.38
N TYR C 134 -26.51 -3.81 11.40
CA TYR C 134 -27.42 -3.40 12.46
C TYR C 134 -28.72 -4.19 12.41
N ILE C 135 -29.28 -4.36 11.21
CA ILE C 135 -30.53 -5.10 11.09
C ILE C 135 -30.33 -6.58 11.41
N ASP C 136 -29.19 -7.15 10.99
CA ASP C 136 -28.91 -8.55 11.26
C ASP C 136 -28.91 -8.85 12.75
N LYS C 137 -28.24 -8.02 13.54
CA LYS C 137 -27.95 -8.32 14.93
C LYS C 137 -28.90 -7.64 15.92
N GLN C 138 -29.17 -6.35 15.73
CA GLN C 138 -30.05 -5.65 16.64
C GLN C 138 -31.52 -6.00 16.40
N LEU C 139 -31.93 -6.12 15.14
CA LEU C 139 -33.34 -6.17 14.78
C LEU C 139 -33.84 -7.57 14.43
N LEU C 140 -33.14 -8.27 13.53
CA LEU C 140 -33.69 -9.51 12.99
C LEU C 140 -33.99 -10.59 14.03
N PRO C 141 -33.17 -10.83 15.06
CA PRO C 141 -33.58 -11.78 16.10
C PRO C 141 -34.89 -11.38 16.77
N ILE C 142 -35.18 -10.09 16.84
CA ILE C 142 -36.37 -9.61 17.53
C ILE C 142 -37.65 -9.94 16.75
N LEU C 143 -37.55 -10.09 15.43
CA LEU C 143 -38.75 -10.28 14.63
C LEU C 143 -38.76 -11.54 13.77
N ASN C 144 -37.62 -12.18 13.52
CA ASN C 144 -37.58 -13.32 12.60
C ASN C 144 -37.78 -14.62 13.37
N LYS C 145 -39.01 -14.80 13.85
CA LYS C 145 -39.45 -16.02 14.51
C LYS C 145 -40.92 -16.24 14.21
N GLN C 146 -41.56 -17.16 14.94
CA GLN C 146 -42.99 -17.41 14.71
C GLN C 146 -43.84 -16.27 15.28
N SER C 147 -43.62 -15.93 16.54
CA SER C 147 -44.34 -14.85 17.22
C SER C 147 -43.35 -13.75 17.56
N CYS C 148 -43.60 -12.54 17.06
CA CYS C 148 -42.63 -11.46 17.17
C CYS C 148 -42.19 -11.29 18.61
N SER C 149 -40.88 -11.10 18.80
CA SER C 149 -40.40 -10.78 20.12
C SER C 149 -40.77 -9.34 20.48
N ILE C 150 -40.22 -8.90 21.60
CA ILE C 150 -40.59 -7.67 22.27
C ILE C 150 -39.34 -6.79 22.36
N PRO C 151 -39.11 -5.94 21.36
CA PRO C 151 -37.95 -5.06 21.40
C PRO C 151 -38.16 -3.98 22.46
N ASN C 152 -37.07 -3.46 22.97
CA ASN C 152 -37.12 -2.39 23.95
C ASN C 152 -37.02 -1.03 23.26
N ILE C 153 -37.64 -0.04 23.89
CA ILE C 153 -37.96 1.23 23.22
C ILE C 153 -36.72 1.96 22.73
N GLU C 154 -35.56 1.69 23.31
CA GLU C 154 -34.34 2.32 22.80
C GLU C 154 -33.92 1.74 21.46
N THR C 155 -34.26 0.48 21.18
CA THR C 155 -34.01 -0.07 19.85
C THR C 155 -34.83 0.65 18.79
N VAL C 156 -36.03 1.11 19.16
CA VAL C 156 -36.89 1.82 18.20
C VAL C 156 -36.22 3.13 17.78
N ILE C 157 -35.69 3.88 18.74
CA ILE C 157 -35.05 5.15 18.42
C ILE C 157 -33.78 4.92 17.62
N GLU C 158 -32.96 3.97 18.04
CA GLU C 158 -31.66 3.75 17.39
C GLU C 158 -31.83 3.35 15.93
N PHE C 159 -32.81 2.49 15.64
CA PHE C 159 -33.04 2.10 14.25
C PHE C 159 -33.47 3.29 13.41
N GLN C 160 -34.31 4.16 13.96
CA GLN C 160 -34.71 5.36 13.23
C GLN C 160 -33.52 6.26 12.95
N GLN C 161 -32.54 6.30 13.86
CA GLN C 161 -31.33 7.09 13.61
C GLN C 161 -30.56 6.55 12.42
N LYS C 162 -30.30 5.24 12.39
CA LYS C 162 -29.55 4.65 11.30
C LYS C 162 -30.34 4.65 10.00
N ASN C 163 -31.64 4.33 10.07
CA ASN C 163 -32.48 4.29 8.87
C ASN C 163 -32.72 5.67 8.28
N ASN C 164 -32.51 6.73 9.07
CA ASN C 164 -32.83 8.08 8.60
C ASN C 164 -31.97 8.47 7.40
N ARG C 165 -30.70 8.07 7.39
CA ARG C 165 -29.83 8.43 6.27
C ARG C 165 -30.31 7.79 4.97
N LEU C 166 -30.71 6.52 5.02
CA LEU C 166 -31.19 5.85 3.83
C LEU C 166 -32.46 6.51 3.30
N LEU C 167 -33.38 6.89 4.21
CA LEU C 167 -34.61 7.54 3.78
C LEU C 167 -34.33 8.90 3.16
N GLU C 168 -33.43 9.68 3.75
CA GLU C 168 -33.10 10.99 3.21
C GLU C 168 -32.38 10.89 1.88
N ILE C 169 -31.50 9.90 1.73
CA ILE C 169 -30.85 9.66 0.45
C ILE C 169 -31.88 9.32 -0.61
N THR C 170 -32.82 8.44 -0.27
CA THR C 170 -33.90 8.10 -1.20
C THR C 170 -34.75 9.32 -1.51
N ARG C 171 -35.04 10.15 -0.50
CA ARG C 171 -35.85 11.34 -0.71
C ARG C 171 -35.17 12.30 -1.68
N GLU C 172 -33.88 12.54 -1.50
CA GLU C 172 -33.16 13.45 -2.39
C GLU C 172 -33.08 12.90 -3.81
N PHE C 173 -32.84 11.60 -3.95
CA PHE C 173 -32.78 11.00 -5.29
C PHE C 173 -34.15 11.02 -5.97
N SER C 174 -35.22 10.83 -5.20
CA SER C 174 -36.56 10.73 -5.79
C SER C 174 -37.02 12.08 -6.36
N VAL C 175 -36.83 13.16 -5.60
CA VAL C 175 -37.28 14.47 -6.05
C VAL C 175 -36.36 15.10 -7.09
N ASN C 176 -35.14 14.57 -7.24
CA ASN C 176 -34.18 15.09 -8.20
C ASN C 176 -34.00 14.18 -9.42
N ALA C 177 -34.79 13.12 -9.52
CA ALA C 177 -34.71 12.16 -10.62
C ALA C 177 -33.31 11.54 -10.72
N GLY C 178 -32.69 11.28 -9.56
CA GLY C 178 -31.46 10.52 -9.50
C GLY C 178 -30.18 11.32 -9.58
N VAL C 179 -30.24 12.63 -9.80
CA VAL C 179 -29.05 13.48 -9.88
C VAL C 179 -29.25 14.66 -8.96
N THR C 180 -28.37 14.80 -7.96
CA THR C 180 -28.49 15.85 -6.94
C THR C 180 -27.24 16.71 -6.91
N THR C 181 -27.44 18.01 -6.70
CA THR C 181 -26.38 18.95 -6.38
C THR C 181 -27.01 20.13 -5.67
N PRO C 182 -26.41 20.66 -4.59
CA PRO C 182 -25.14 20.24 -3.98
C PRO C 182 -25.22 18.85 -3.32
N VAL C 183 -24.07 18.24 -3.09
CA VAL C 183 -24.00 16.93 -2.46
C VAL C 183 -24.24 17.10 -0.97
N SER C 184 -25.32 16.51 -0.46
CA SER C 184 -25.73 16.71 0.91
C SER C 184 -24.85 15.92 1.87
N THR C 185 -25.00 16.22 3.16
CA THR C 185 -24.29 15.48 4.20
C THR C 185 -24.80 14.05 4.34
N TYR C 186 -26.00 13.77 3.81
CA TYR C 186 -26.53 12.41 3.87
C TYR C 186 -25.96 11.55 2.74
N MET C 187 -25.76 12.13 1.57
CA MET C 187 -25.02 11.45 0.52
C MET C 187 -23.58 11.20 0.94
N LEU C 188 -22.99 12.16 1.64
CA LEU C 188 -21.58 12.10 2.01
C LEU C 188 -21.37 13.00 3.23
N THR C 189 -21.06 12.39 4.37
CA THR C 189 -20.84 13.19 5.58
C THR C 189 -19.53 13.98 5.44
N ASN C 190 -19.35 14.93 6.37
CA ASN C 190 -18.14 15.74 6.36
C ASN C 190 -16.90 14.88 6.54
N SER C 191 -16.96 13.90 7.45
CA SER C 191 -15.82 13.01 7.66
C SER C 191 -15.52 12.19 6.41
N GLU C 192 -16.56 11.66 5.76
CA GLU C 192 -16.36 10.87 4.55
C GLU C 192 -15.83 11.72 3.40
N LEU C 193 -16.36 12.94 3.26
CA LEU C 193 -15.90 13.83 2.19
C LEU C 193 -14.44 14.21 2.39
N LEU C 194 -14.05 14.54 3.63
CA LEU C 194 -12.65 14.86 3.90
C LEU C 194 -11.75 13.65 3.65
N SER C 195 -12.20 12.46 4.05
CA SER C 195 -11.44 11.25 3.75
C SER C 195 -11.34 11.02 2.24
N LEU C 196 -12.40 11.34 1.51
CA LEU C 196 -12.37 11.27 0.05
C LEU C 196 -11.32 12.22 -0.52
N ILE C 197 -11.25 13.43 0.04
CA ILE C 197 -10.34 14.46 -0.48
C ILE C 197 -8.89 14.02 -0.32
N ASN C 198 -8.58 13.30 0.76
CA ASN C 198 -7.20 12.92 1.03
C ASN C 198 -6.63 11.96 -0.01
N ASP C 199 -7.49 11.20 -0.69
CA ASP C 199 -7.02 10.29 -1.73
C ASP C 199 -7.05 10.89 -3.14
N MET C 200 -7.55 12.11 -3.30
CA MET C 200 -7.64 12.66 -4.64
C MET C 200 -6.24 12.91 -5.20
N PRO C 201 -6.02 12.65 -6.48
CA PRO C 201 -4.69 12.87 -7.06
C PRO C 201 -4.38 14.35 -7.22
N ILE C 202 -4.34 15.07 -6.10
CA ILE C 202 -4.14 16.51 -6.09
C ILE C 202 -3.05 16.83 -5.07
N THR C 203 -2.52 18.05 -5.17
CA THR C 203 -1.48 18.49 -4.26
C THR C 203 -2.02 18.72 -2.86
N ASN C 204 -1.11 18.76 -1.89
CA ASN C 204 -1.52 18.95 -0.50
C ASN C 204 -2.13 20.33 -0.27
N ASP C 205 -1.64 21.36 -0.97
CA ASP C 205 -2.24 22.69 -0.87
C ASP C 205 -3.69 22.66 -1.31
N GLN C 206 -3.99 21.93 -2.40
CA GLN C 206 -5.37 21.78 -2.82
C GLN C 206 -6.20 21.06 -1.77
N LYS C 207 -5.65 19.98 -1.19
CA LYS C 207 -6.37 19.23 -0.17
C LYS C 207 -6.71 20.12 1.02
N LYS C 208 -5.80 21.01 1.40
CA LYS C 208 -6.09 21.99 2.45
C LYS C 208 -7.22 22.91 2.04
N LEU C 209 -7.22 23.37 0.77
CA LEU C 209 -8.26 24.28 0.31
C LEU C 209 -9.64 23.62 0.29
N MET C 210 -9.72 22.37 -0.19
CA MET C 210 -10.98 21.65 -0.15
C MET C 210 -11.44 21.41 1.29
N SER C 211 -10.51 21.03 2.17
CA SER C 211 -10.87 20.72 3.54
C SER C 211 -11.42 21.94 4.26
N ASN C 212 -10.86 23.12 3.97
CA ASN C 212 -11.31 24.36 4.58
C ASN C 212 -12.61 24.87 3.99
N ASN C 213 -13.03 24.36 2.84
CA ASN C 213 -14.19 24.87 2.11
C ASN C 213 -15.09 23.71 1.64
N VAL C 214 -15.42 22.82 2.57
CA VAL C 214 -16.15 21.60 2.19
C VAL C 214 -17.51 21.94 1.58
N GLN C 215 -18.17 22.98 2.10
CA GLN C 215 -19.49 23.33 1.59
C GLN C 215 -19.43 23.85 0.16
N ILE C 216 -18.39 24.60 -0.19
CA ILE C 216 -18.18 24.99 -1.58
C ILE C 216 -17.94 23.77 -2.44
N VAL C 217 -17.16 22.81 -1.93
CA VAL C 217 -16.91 21.57 -2.67
C VAL C 217 -18.21 20.83 -2.94
N ARG C 218 -19.13 20.83 -1.96
CA ARG C 218 -20.42 20.19 -2.16
C ARG C 218 -21.20 20.87 -3.29
N GLN C 219 -21.16 22.20 -3.35
CA GLN C 219 -21.86 22.93 -4.40
C GLN C 219 -21.21 22.76 -5.77
N GLN C 220 -19.99 22.24 -5.84
CA GLN C 220 -19.30 22.00 -7.09
C GLN C 220 -19.30 20.52 -7.47
N SER C 221 -20.14 19.71 -6.85
CA SER C 221 -20.10 18.26 -7.00
C SER C 221 -21.48 17.73 -7.33
N TYR C 222 -21.53 16.45 -7.73
CA TYR C 222 -22.76 15.77 -8.08
C TYR C 222 -22.82 14.42 -7.37
N SER C 223 -24.05 13.97 -7.08
CA SER C 223 -24.31 12.62 -6.61
C SER C 223 -25.27 11.96 -7.58
N ILE C 224 -24.91 10.78 -8.07
CA ILE C 224 -25.66 10.10 -9.13
C ILE C 224 -26.02 8.70 -8.63
N MET C 225 -27.32 8.41 -8.59
CA MET C 225 -27.79 7.07 -8.25
C MET C 225 -27.48 6.11 -9.39
N CYS C 226 -26.88 4.96 -9.07
CA CYS C 226 -26.55 3.97 -10.10
CA CYS C 226 -26.54 3.98 -10.09
C CYS C 226 -27.32 2.68 -9.94
N ILE C 227 -27.18 1.99 -8.80
CA ILE C 227 -27.67 0.62 -8.67
C ILE C 227 -28.08 0.35 -7.23
N ILE C 228 -29.00 -0.59 -7.06
CA ILE C 228 -29.30 -1.19 -5.76
C ILE C 228 -29.60 -2.67 -6.01
N LYS C 229 -28.68 -3.54 -5.61
CA LYS C 229 -28.79 -4.96 -5.87
C LYS C 229 -27.81 -5.71 -4.98
N GLU C 230 -28.09 -7.00 -4.76
CA GLU C 230 -27.23 -7.88 -3.99
C GLU C 230 -26.90 -7.28 -2.63
N GLU C 231 -27.92 -6.69 -1.99
CA GLU C 231 -27.81 -6.09 -0.66
C GLU C 231 -26.80 -4.94 -0.62
N VAL C 232 -26.66 -4.22 -1.73
CA VAL C 232 -25.77 -3.08 -1.81
C VAL C 232 -26.47 -1.95 -2.55
N LEU C 233 -26.44 -0.75 -1.97
CA LEU C 233 -26.83 0.48 -2.66
C LEU C 233 -25.56 1.22 -3.05
N ALA C 234 -25.39 1.50 -4.34
CA ALA C 234 -24.19 2.16 -4.84
C ALA C 234 -24.58 3.37 -5.66
N TYR C 235 -23.98 4.52 -5.31
CA TYR C 235 -24.15 5.74 -6.08
C TYR C 235 -22.79 6.40 -6.25
N VAL C 236 -22.64 7.15 -7.34
CA VAL C 236 -21.37 7.77 -7.71
C VAL C 236 -21.40 9.25 -7.32
N VAL C 237 -20.36 9.70 -6.63
CA VAL C 237 -20.19 11.10 -6.26
C VAL C 237 -19.07 11.67 -7.11
N GLN C 238 -19.36 12.77 -7.81
CA GLN C 238 -18.47 13.36 -8.79
C GLN C 238 -17.88 14.64 -8.22
N LEU C 239 -16.57 14.63 -7.93
CA LEU C 239 -15.91 15.75 -7.29
C LEU C 239 -15.04 16.52 -8.29
N PRO C 240 -14.89 17.83 -8.10
CA PRO C 240 -14.14 18.62 -9.08
C PRO C 240 -12.63 18.52 -8.90
N LEU C 241 -11.92 18.55 -10.02
CA LEU C 241 -10.47 18.64 -10.05
C LEU C 241 -10.05 20.00 -10.59
N TYR C 242 -9.08 20.63 -9.93
CA TYR C 242 -8.57 21.94 -10.32
C TYR C 242 -7.09 21.79 -10.63
N GLY C 243 -6.78 21.46 -11.89
CA GLY C 243 -5.41 21.28 -12.33
C GLY C 243 -5.06 22.10 -13.55
#